data_4FFZ
#
_entry.id   4FFZ
#
_cell.length_a   82.865
_cell.length_b   52.013
_cell.length_c   136.402
_cell.angle_alpha   90.000
_cell.angle_beta   107.490
_cell.angle_gamma   90.000
#
_symmetry.space_group_name_H-M   'P 1 21 1'
#
loop_
_entity.id
_entity.type
_entity.pdbx_description
1 polymer 'Envelope protein E'
2 polymer 'DENV1-E111 fab fragment (light chain)'
3 polymer 'DENV1-E111 fab fragment (heavy chain)'
#
loop_
_entity_poly.entity_id
_entity_poly.type
_entity_poly.pdbx_seq_one_letter_code
_entity_poly.pdbx_strand_id
1 'polypeptide(L)'
;MASMTLKGMSYVMCTGSFKLEKEVAETQHGTVLVQVKYEGTDAPCKIPFSSQDEKGVTQNGRLITANPIVTDKEKPVNIE
AEPPFGESYIVVGAGEKALKLSWFKKGSSIG
;
A,X
2 'polypeptide(L)'
;NIVLTQSPASLAVSLGQRATISCRASESVDHYGNSFIYWYQQKPGQPPKLLIYLASNLESGVPARFSGSGSETDFTLTID
SVETDDAATYYCQQNNEDPYTFGGGTKLEIKRADAAPTVSIFPPSSEQLTSGGASVVCFLNNFYPKDINVKWKIDGSERQ
NGVLNSWTDQDSKDSTYSMSSTLTLTKDEYERHNSYTCEATHKTSTSPIVKSFNRN
;
L,Y
3 'polypeptide(L)'
;QVQLLQPGAELVKPGASMKLSCKASGYTFTNWWMHWVRLRPGRGLEWIGRIDPNSDVNKYNEKFENRASLTVDKHSSTAY
MQLSSLTSEDSAIYYCARWFFPWYFDVWGTGTTVTVSSAKTTAPSVYPLAPVCGGTTGSSVTLGCLVKGYFPEPVTLTWN
SGSLSSGVHTFPALLQSGLYTLSSSVTVTSNTWPSQTITCNVAHPASSTKVDKKIES
;
H,Z
#
# COMPACT_ATOMS: atom_id res chain seq x y z
N TYR A 11 -13.12 -16.12 -1.56
CA TYR A 11 -13.87 -17.26 -1.05
C TYR A 11 -13.91 -17.27 0.46
N VAL A 12 -14.79 -18.11 1.01
CA VAL A 12 -14.84 -18.31 2.45
C VAL A 12 -13.94 -19.48 2.87
N MET A 13 -13.57 -19.49 4.14
CA MET A 13 -12.71 -20.54 4.68
C MET A 13 -13.45 -21.87 4.64
N CYS A 14 -12.75 -22.96 4.33
CA CYS A 14 -13.36 -24.28 4.38
C CYS A 14 -13.85 -24.59 5.79
N THR A 15 -14.99 -25.24 5.90
CA THR A 15 -15.58 -25.59 7.18
C THR A 15 -15.45 -27.06 7.53
N GLY A 16 -15.28 -27.92 6.52
CA GLY A 16 -15.30 -29.35 6.73
C GLY A 16 -14.11 -29.95 7.46
N SER A 17 -14.01 -31.27 7.38
CA SER A 17 -12.95 -32.03 8.05
C SER A 17 -11.91 -32.49 7.04
N PHE A 18 -10.70 -32.80 7.50
CA PHE A 18 -9.68 -33.28 6.57
C PHE A 18 -9.19 -34.67 6.96
N LYS A 19 -8.92 -35.50 5.95
CA LYS A 19 -8.30 -36.80 6.17
C LYS A 19 -6.93 -36.83 5.49
N LEU A 20 -5.93 -37.38 6.15
CA LEU A 20 -4.61 -37.49 5.53
C LEU A 20 -4.53 -38.61 4.48
N GLU A 21 -4.13 -38.23 3.28
CA GLU A 21 -4.08 -39.15 2.14
C GLU A 21 -2.74 -39.84 1.96
N LYS A 22 -1.67 -39.08 2.21
CA LYS A 22 -0.31 -39.60 2.10
C LYS A 22 0.59 -39.31 3.30
N GLU A 23 1.71 -40.01 3.38
CA GLU A 23 2.76 -39.72 4.35
C GLU A 23 3.35 -38.34 4.11
N VAL A 24 3.71 -37.64 5.20
CA VAL A 24 4.41 -36.37 5.08
C VAL A 24 5.83 -36.62 4.57
N ALA A 25 6.31 -35.77 3.67
CA ALA A 25 7.63 -36.00 3.09
C ALA A 25 8.51 -34.76 3.16
N GLU A 26 9.79 -34.95 3.45
CA GLU A 26 10.75 -33.84 3.43
C GLU A 26 11.35 -33.74 2.03
N THR A 27 11.39 -32.54 1.47
CA THR A 27 11.97 -32.36 0.15
C THR A 27 13.48 -32.25 0.23
N GLN A 28 14.12 -32.10 -0.93
CA GLN A 28 15.57 -32.01 -1.01
C GLN A 28 16.08 -30.76 -0.29
N HIS A 29 15.24 -29.73 -0.24
CA HIS A 29 15.66 -28.44 0.27
C HIS A 29 14.89 -28.04 1.53
N GLY A 30 14.76 -28.96 2.47
CA GLY A 30 14.23 -28.67 3.79
C GLY A 30 12.78 -28.18 3.83
N THR A 31 12.00 -28.52 2.82
CA THR A 31 10.57 -28.21 2.85
C THR A 31 9.74 -29.48 2.87
N VAL A 32 8.45 -29.35 3.16
CA VAL A 32 7.58 -30.52 3.20
C VAL A 32 6.43 -30.46 2.19
N LEU A 33 6.11 -31.62 1.62
CA LEU A 33 4.97 -31.77 0.73
C LEU A 33 3.85 -32.58 1.39
N VAL A 34 2.70 -31.94 1.61
CA VAL A 34 1.57 -32.61 2.24
C VAL A 34 0.37 -32.72 1.29
N GLN A 35 -0.15 -33.94 1.12
CA GLN A 35 -1.31 -34.15 0.27
C GLN A 35 -2.46 -34.68 1.12
N VAL A 36 -3.56 -33.92 1.14
CA VAL A 36 -4.69 -34.18 1.99
C VAL A 36 -5.97 -34.35 1.18
N LYS A 37 -6.96 -35.00 1.79
CA LYS A 37 -8.25 -35.23 1.16
C LYS A 37 -9.31 -34.52 1.98
N TYR A 38 -10.15 -33.74 1.28
CA TYR A 38 -11.13 -32.90 1.93
C TYR A 38 -12.45 -33.62 2.15
N GLU A 39 -13.06 -33.31 3.28
CA GLU A 39 -14.35 -33.86 3.69
C GLU A 39 -15.30 -32.74 4.09
N GLY A 40 -15.67 -31.90 3.13
CA GLY A 40 -16.59 -30.81 3.39
C GLY A 40 -17.57 -30.66 2.24
N THR A 41 -18.48 -29.71 2.37
CA THR A 41 -19.52 -29.50 1.37
C THR A 41 -19.45 -28.12 0.73
N ASP A 42 -18.58 -27.26 1.25
CA ASP A 42 -18.57 -25.85 0.87
C ASP A 42 -17.57 -25.47 -0.23
N ALA A 43 -17.00 -26.46 -0.90
CA ALA A 43 -16.11 -26.17 -2.02
C ALA A 43 -16.89 -25.43 -3.11
N PRO A 44 -16.26 -24.42 -3.74
CA PRO A 44 -14.87 -24.00 -3.50
C PRO A 44 -14.73 -23.16 -2.23
N CYS A 45 -13.60 -23.33 -1.53
CA CYS A 45 -13.35 -22.60 -0.29
C CYS A 45 -11.85 -22.49 -0.04
N LYS A 46 -11.46 -21.57 0.83
CA LYS A 46 -10.05 -21.42 1.19
C LYS A 46 -9.66 -22.35 2.33
N ILE A 47 -8.51 -22.99 2.20
CA ILE A 47 -8.07 -23.99 3.19
C ILE A 47 -7.36 -23.35 4.38
N PRO A 48 -7.90 -23.57 5.59
CA PRO A 48 -7.23 -23.10 6.81
C PRO A 48 -5.89 -23.82 6.98
N PHE A 49 -4.81 -23.06 7.06
CA PHE A 49 -3.47 -23.64 7.21
C PHE A 49 -2.61 -22.82 8.16
N SER A 50 -2.07 -23.47 9.19
CA SER A 50 -1.22 -22.74 10.15
C SER A 50 -0.23 -23.67 10.82
N SER A 51 0.86 -23.13 11.34
CA SER A 51 1.87 -23.96 12.01
C SER A 51 2.12 -23.47 13.43
N GLN A 52 2.16 -24.39 14.37
CA GLN A 52 2.34 -24.01 15.77
C GLN A 52 3.41 -24.87 16.45
N ASP A 53 3.49 -24.77 17.77
CA ASP A 53 4.28 -25.71 18.56
C ASP A 53 3.44 -26.59 19.49
N GLU A 54 4.10 -27.29 20.39
CA GLU A 54 3.45 -28.23 21.31
C GLU A 54 2.47 -27.53 22.26
N LYS A 55 2.81 -26.32 22.69
CA LYS A 55 2.01 -25.62 23.69
C LYS A 55 0.93 -24.76 23.05
N GLY A 56 0.69 -24.97 21.75
CA GLY A 56 -0.38 -24.29 21.06
C GLY A 56 0.04 -22.91 20.59
N VAL A 57 1.31 -22.57 20.82
CA VAL A 57 1.83 -21.26 20.47
C VAL A 57 2.03 -21.14 18.97
N THR A 58 1.51 -20.07 18.39
CA THR A 58 1.71 -19.76 16.98
C THR A 58 3.21 -19.60 16.72
N GLN A 59 3.71 -20.27 15.69
CA GLN A 59 5.15 -20.31 15.43
C GLN A 59 5.46 -20.07 13.97
N ASN A 60 6.33 -19.10 13.72
CA ASN A 60 6.52 -18.51 12.39
C ASN A 60 7.03 -19.49 11.34
N GLY A 61 6.73 -19.18 10.08
CA GLY A 61 7.16 -19.97 8.94
C GLY A 61 6.59 -19.37 7.68
N ARG A 62 6.85 -19.98 6.53
CA ARG A 62 6.29 -19.46 5.28
C ARG A 62 5.73 -20.49 4.30
N LEU A 63 4.72 -20.06 3.54
CA LEU A 63 4.05 -20.88 2.55
C LEU A 63 4.73 -20.77 1.19
N ILE A 64 5.01 -21.90 0.54
CA ILE A 64 5.54 -21.86 -0.82
C ILE A 64 4.38 -21.80 -1.81
N THR A 65 3.38 -22.66 -1.60
CA THR A 65 2.12 -22.62 -2.33
C THR A 65 1.45 -21.25 -2.24
N ALA A 66 0.97 -20.74 -3.38
CA ALA A 66 0.33 -19.43 -3.44
C ALA A 66 -0.80 -19.30 -2.42
N ASN A 67 -1.96 -19.85 -2.76
CA ASN A 67 -3.09 -19.91 -1.82
C ASN A 67 -3.87 -21.21 -1.92
N PRO A 68 -3.77 -22.06 -0.89
CA PRO A 68 -4.40 -23.38 -0.82
C PRO A 68 -5.92 -23.33 -0.89
N ILE A 69 -6.51 -23.81 -1.97
CA ILE A 69 -7.96 -23.75 -2.14
C ILE A 69 -8.53 -25.10 -2.60
N VAL A 70 -9.65 -25.51 -2.02
CA VAL A 70 -10.35 -26.71 -2.46
C VAL A 70 -11.30 -26.38 -3.60
N THR A 71 -10.89 -26.70 -4.82
CA THR A 71 -11.72 -26.50 -5.99
C THR A 71 -12.86 -27.52 -6.00
N ASP A 72 -12.49 -28.78 -5.80
CA ASP A 72 -13.46 -29.88 -5.84
C ASP A 72 -13.20 -30.82 -4.67
N LYS A 73 -14.20 -30.92 -3.80
CA LYS A 73 -14.11 -31.69 -2.56
C LYS A 73 -13.70 -33.15 -2.75
N GLU A 74 -13.83 -33.64 -3.98
CA GLU A 74 -13.43 -35.01 -4.31
C GLU A 74 -11.97 -35.09 -4.77
N LYS A 75 -11.34 -33.93 -4.96
CA LYS A 75 -9.95 -33.89 -5.38
C LYS A 75 -8.99 -33.46 -4.26
N PRO A 76 -7.97 -34.29 -3.99
CA PRO A 76 -6.92 -33.98 -3.01
C PRO A 76 -6.05 -32.80 -3.45
N VAL A 77 -5.63 -31.98 -2.50
CA VAL A 77 -4.77 -30.83 -2.81
C VAL A 77 -3.34 -31.02 -2.26
N ASN A 78 -2.33 -30.73 -3.09
CA ASN A 78 -0.95 -30.77 -2.61
C ASN A 78 -0.51 -29.41 -2.07
N ILE A 79 0.28 -29.42 -1.00
CA ILE A 79 0.79 -28.20 -0.38
C ILE A 79 2.26 -28.32 0.02
N GLU A 80 3.11 -27.44 -0.51
CA GLU A 80 4.50 -27.40 -0.07
C GLU A 80 4.75 -26.22 0.86
N ALA A 81 5.44 -26.49 1.97
CA ALA A 81 5.67 -25.45 2.97
C ALA A 81 7.06 -25.55 3.62
N GLU A 82 7.57 -24.41 4.06
CA GLU A 82 8.80 -24.38 4.86
C GLU A 82 8.46 -24.16 6.33
N PRO A 83 8.44 -25.25 7.11
CA PRO A 83 8.09 -25.21 8.53
C PRO A 83 9.19 -24.55 9.35
N PRO A 84 8.88 -24.12 10.58
CA PRO A 84 9.92 -23.62 11.48
C PRO A 84 10.93 -24.71 11.82
N PHE A 85 12.11 -24.32 12.27
CA PHE A 85 13.12 -25.28 12.69
C PHE A 85 12.70 -25.92 14.00
N GLY A 86 13.10 -27.18 14.17
CA GLY A 86 12.80 -27.91 15.39
C GLY A 86 11.41 -28.53 15.33
N GLU A 87 10.79 -28.64 16.50
CA GLU A 87 9.51 -29.33 16.67
C GLU A 87 8.32 -28.41 16.42
N SER A 88 7.44 -28.80 15.51
CA SER A 88 6.22 -28.04 15.27
C SER A 88 5.02 -28.93 14.95
N TYR A 89 3.86 -28.30 14.88
CA TYR A 89 2.62 -28.94 14.44
C TYR A 89 2.06 -28.28 13.20
N ILE A 90 1.85 -29.08 12.17
CA ILE A 90 1.17 -28.64 10.96
C ILE A 90 -0.33 -28.76 11.19
N VAL A 91 -1.03 -27.63 11.05
CA VAL A 91 -2.47 -27.57 11.28
C VAL A 91 -3.23 -27.33 9.98
N VAL A 92 -3.98 -28.34 9.56
CA VAL A 92 -4.81 -28.28 8.37
C VAL A 92 -6.29 -28.24 8.75
N GLY A 93 -6.98 -27.18 8.40
CA GLY A 93 -8.39 -27.05 8.75
C GLY A 93 -8.59 -26.26 10.04
N ALA A 94 -9.83 -26.20 10.49
CA ALA A 94 -10.16 -25.46 11.70
C ALA A 94 -11.28 -26.16 12.46
N GLY A 95 -11.41 -25.83 13.74
CA GLY A 95 -12.43 -26.45 14.57
C GLY A 95 -11.92 -27.69 15.29
N GLU A 96 -12.84 -28.40 15.93
CA GLU A 96 -12.49 -29.53 16.79
C GLU A 96 -11.81 -30.67 16.04
N LYS A 97 -12.18 -30.86 14.78
CA LYS A 97 -11.63 -31.94 13.96
C LYS A 97 -10.38 -31.54 13.18
N ALA A 98 -9.77 -30.41 13.55
CA ALA A 98 -8.59 -29.91 12.85
C ALA A 98 -7.43 -30.92 12.86
N LEU A 99 -6.87 -31.18 11.68
CA LEU A 99 -5.74 -32.08 11.52
C LEU A 99 -4.45 -31.52 12.10
N LYS A 100 -3.83 -32.29 13.01
CA LYS A 100 -2.62 -31.86 13.69
C LYS A 100 -1.46 -32.85 13.50
N LEU A 101 -0.47 -32.47 12.72
CA LEU A 101 0.58 -33.42 12.33
C LEU A 101 1.96 -32.95 12.79
N SER A 102 2.66 -33.79 13.55
CA SER A 102 3.96 -33.43 14.10
C SER A 102 5.12 -33.47 13.09
N TRP A 103 5.92 -32.42 13.09
CA TRP A 103 7.09 -32.35 12.20
C TRP A 103 8.33 -31.79 12.87
N PHE A 104 9.49 -32.38 12.56
CA PHE A 104 10.77 -31.87 13.01
C PHE A 104 11.73 -31.48 11.88
N LYS A 105 12.23 -30.25 11.92
CA LYS A 105 13.17 -29.80 10.90
C LYS A 105 14.53 -29.52 11.52
N LYS A 106 15.52 -30.35 11.25
CA LYS A 106 16.83 -30.16 11.88
C LYS A 106 17.54 -28.93 11.32
N GLY A 107 18.38 -28.31 12.14
CA GLY A 107 19.13 -27.14 11.71
C GLY A 107 19.20 -26.06 12.78
N ASN B 1 5.96 -8.70 22.88
CA ASN B 1 4.50 -8.78 22.79
C ASN B 1 3.96 -7.86 21.70
N ILE B 2 3.02 -8.37 20.90
CA ILE B 2 2.34 -7.54 19.91
C ILE B 2 1.32 -6.63 20.60
N VAL B 3 1.52 -5.32 20.45
CA VAL B 3 0.61 -4.34 21.05
C VAL B 3 -0.46 -3.89 20.07
N LEU B 4 -1.72 -3.91 20.51
CA LEU B 4 -2.81 -3.48 19.65
C LEU B 4 -3.41 -2.16 20.12
N THR B 5 -3.38 -1.16 19.24
CA THR B 5 -3.88 0.17 19.54
C THR B 5 -5.11 0.46 18.69
N GLN B 6 -6.23 0.76 19.34
CA GLN B 6 -7.46 1.05 18.61
C GLN B 6 -7.69 2.55 18.47
N SER B 7 -8.39 2.94 17.41
CA SER B 7 -8.71 4.33 17.17
C SER B 7 -10.05 4.45 16.44
N PRO B 8 -10.90 5.38 16.89
CA PRO B 8 -10.65 6.26 18.04
C PRO B 8 -11.05 5.58 19.35
N ALA B 9 -10.89 6.28 20.47
CA ALA B 9 -11.30 5.76 21.77
C ALA B 9 -12.81 5.57 21.84
N SER B 10 -13.56 6.57 21.36
CA SER B 10 -15.00 6.43 21.21
C SER B 10 -15.54 7.32 20.10
N LEU B 11 -16.73 7.00 19.62
CA LEU B 11 -17.35 7.76 18.54
C LEU B 11 -18.87 7.59 18.56
N ALA B 12 -19.58 8.58 18.05
CA ALA B 12 -21.04 8.49 17.98
C ALA B 12 -21.46 8.58 16.51
N VAL B 13 -22.32 7.67 16.09
CA VAL B 13 -22.74 7.63 14.69
C VAL B 13 -24.26 7.69 14.58
N SER B 14 -24.78 8.53 13.69
CA SER B 14 -26.21 8.66 13.51
C SER B 14 -26.80 7.34 13.00
N LEU B 15 -27.97 6.98 13.53
CA LEU B 15 -28.63 5.73 13.18
C LEU B 15 -28.81 5.58 11.67
N GLY B 16 -28.33 4.47 11.14
CA GLY B 16 -28.44 4.20 9.72
C GLY B 16 -27.20 4.64 8.95
N GLN B 17 -26.31 5.36 9.62
CA GLN B 17 -25.09 5.83 8.95
C GLN B 17 -23.96 4.81 9.10
N ARG B 18 -22.86 5.05 8.40
CA ARG B 18 -21.73 4.13 8.41
C ARG B 18 -20.75 4.43 9.54
N ALA B 19 -20.22 3.37 10.16
CA ALA B 19 -19.21 3.50 11.20
C ALA B 19 -17.93 2.74 10.83
N THR B 20 -16.79 3.30 11.18
CA THR B 20 -15.49 2.68 10.90
C THR B 20 -14.54 2.79 12.10
N ILE B 21 -13.94 1.67 12.48
CA ILE B 21 -13.02 1.62 13.59
C ILE B 21 -11.69 0.99 13.15
N SER B 22 -10.56 1.57 13.55
CA SER B 22 -9.29 1.00 13.11
C SER B 22 -8.52 0.37 14.28
N CYS B 23 -7.75 -0.66 13.96
CA CYS B 23 -6.85 -1.29 14.93
C CYS B 23 -5.47 -1.45 14.31
N ARG B 24 -4.45 -0.96 15.00
CA ARG B 24 -3.08 -1.03 14.51
C ARG B 24 -2.15 -1.82 15.44
N ALA B 25 -1.35 -2.68 14.86
CA ALA B 25 -0.47 -3.57 15.62
C ALA B 25 0.98 -3.09 15.54
N SER B 26 1.69 -3.21 16.66
CA SER B 26 3.07 -2.77 16.75
C SER B 26 4.01 -3.57 15.86
N GLU B 27 3.53 -4.72 15.40
CA GLU B 27 4.24 -5.50 14.38
C GLU B 27 3.28 -6.47 13.71
N SER B 28 3.76 -7.17 12.69
CA SER B 28 2.88 -7.99 11.86
C SER B 28 2.18 -9.08 12.67
N VAL B 29 0.90 -9.30 12.37
CA VAL B 29 0.14 -10.37 12.98
C VAL B 29 -0.25 -11.41 11.93
N ASP B 30 0.42 -11.36 10.79
CA ASP B 30 0.15 -12.32 9.72
C ASP B 30 0.86 -13.65 9.93
N HIS B 31 0.13 -14.74 9.70
CA HIS B 31 0.65 -16.08 9.88
C HIS B 31 0.23 -16.96 8.70
N TYR B 32 1.19 -17.33 7.87
CA TYR B 32 0.92 -18.13 6.66
C TYR B 32 -0.16 -17.55 5.75
N GLY B 33 -0.11 -16.25 5.53
CA GLY B 33 -0.99 -15.59 4.58
C GLY B 33 -2.32 -15.18 5.17
N ASN B 34 -2.54 -15.49 6.45
CA ASN B 34 -3.74 -15.07 7.14
C ASN B 34 -3.43 -14.14 8.30
N SER B 35 -4.29 -13.16 8.52
CA SER B 35 -4.09 -12.22 9.61
C SER B 35 -4.73 -12.81 10.86
N PHE B 36 -3.90 -13.12 11.85
CA PHE B 36 -4.42 -13.69 13.09
C PHE B 36 -4.97 -12.61 14.03
N ILE B 37 -6.05 -11.98 13.57
CA ILE B 37 -6.70 -10.91 14.31
C ILE B 37 -8.22 -11.09 14.26
N TYR B 38 -8.90 -10.68 15.33
CA TYR B 38 -10.31 -10.98 15.46
C TYR B 38 -11.04 -9.76 16.01
N TRP B 39 -12.31 -9.61 15.63
CA TRP B 39 -13.12 -8.52 16.15
C TRP B 39 -14.29 -9.05 16.95
N TYR B 40 -14.36 -8.62 18.21
CA TYR B 40 -15.45 -8.97 19.11
C TYR B 40 -16.32 -7.77 19.49
N GLN B 41 -17.58 -8.08 19.79
CA GLN B 41 -18.56 -7.10 20.25
C GLN B 41 -18.95 -7.46 21.67
N GLN B 42 -18.94 -6.47 22.55
CA GLN B 42 -19.39 -6.70 23.93
C GLN B 42 -20.39 -5.65 24.38
N LYS B 43 -21.50 -6.12 24.94
CA LYS B 43 -22.51 -5.24 25.50
C LYS B 43 -22.46 -5.34 27.02
N PRO B 44 -22.91 -4.27 27.72
CA PRO B 44 -22.94 -4.24 29.18
C PRO B 44 -23.66 -5.45 29.78
N GLY B 45 -23.07 -6.07 30.80
CA GLY B 45 -23.69 -7.21 31.44
C GLY B 45 -23.57 -8.50 30.66
N GLN B 46 -22.95 -8.41 29.49
CA GLN B 46 -22.81 -9.58 28.61
C GLN B 46 -21.36 -9.92 28.33
N PRO B 47 -21.08 -11.21 28.11
CA PRO B 47 -19.74 -11.63 27.67
C PRO B 47 -19.55 -11.21 26.22
N PRO B 48 -18.29 -11.10 25.77
CA PRO B 48 -18.01 -10.69 24.38
C PRO B 48 -18.59 -11.69 23.37
N LYS B 49 -18.70 -11.25 22.12
CA LYS B 49 -19.26 -12.07 21.06
C LYS B 49 -18.45 -11.83 19.80
N LEU B 50 -17.96 -12.90 19.20
CA LEU B 50 -17.15 -12.80 17.99
C LEU B 50 -17.95 -12.24 16.82
N LEU B 51 -17.32 -11.34 16.07
CA LEU B 51 -17.91 -10.78 14.87
C LEU B 51 -17.08 -11.15 13.65
N ILE B 52 -15.78 -10.88 13.73
CA ILE B 52 -14.91 -11.11 12.58
C ILE B 52 -13.72 -12.00 12.94
N TYR B 53 -13.39 -12.95 12.09
CA TYR B 53 -12.21 -13.78 12.33
C TYR B 53 -11.33 -13.80 11.09
N LEU B 54 -10.02 -13.96 11.32
CA LEU B 54 -9.03 -13.88 10.26
C LEU B 54 -9.18 -12.62 9.42
N ALA B 55 -9.35 -11.49 10.12
CA ALA B 55 -9.40 -10.16 9.52
C ALA B 55 -10.65 -9.83 8.71
N SER B 56 -11.12 -10.77 7.90
CA SER B 56 -12.15 -10.47 6.92
C SER B 56 -13.32 -11.46 6.83
N ASN B 57 -13.23 -12.57 7.56
CA ASN B 57 -14.26 -13.60 7.47
C ASN B 57 -15.41 -13.41 8.47
N LEU B 58 -16.63 -13.41 7.95
CA LEU B 58 -17.82 -13.23 8.79
C LEU B 58 -18.23 -14.53 9.48
N GLU B 59 -18.35 -14.47 10.81
CA GLU B 59 -18.90 -15.57 11.58
C GLU B 59 -20.38 -15.78 11.28
N SER B 60 -20.81 -17.03 11.21
CA SER B 60 -22.21 -17.36 10.95
C SER B 60 -23.10 -16.71 12.01
N GLY B 61 -24.22 -16.15 11.60
CA GLY B 61 -25.11 -15.49 12.54
C GLY B 61 -24.89 -13.99 12.63
N VAL B 62 -23.71 -13.54 12.21
CA VAL B 62 -23.40 -12.11 12.21
C VAL B 62 -24.06 -11.43 11.01
N PRO B 63 -24.76 -10.31 11.24
CA PRO B 63 -25.45 -9.60 10.16
C PRO B 63 -24.49 -9.15 9.05
N ALA B 64 -24.97 -9.10 7.82
CA ALA B 64 -24.10 -8.79 6.68
C ALA B 64 -23.56 -7.36 6.69
N ARG B 65 -24.23 -6.49 7.44
CA ARG B 65 -23.79 -5.09 7.55
C ARG B 65 -22.41 -4.96 8.21
N PHE B 66 -22.02 -5.99 8.94
CA PHE B 66 -20.69 -6.04 9.56
C PHE B 66 -19.66 -6.52 8.54
N SER B 67 -18.49 -5.88 8.52
CA SER B 67 -17.40 -6.31 7.66
C SER B 67 -16.04 -5.92 8.23
N GLY B 68 -14.99 -6.63 7.81
CA GLY B 68 -13.64 -6.31 8.26
C GLY B 68 -12.63 -6.39 7.13
N SER B 69 -11.53 -5.65 7.27
CA SER B 69 -10.47 -5.64 6.27
C SER B 69 -9.11 -5.28 6.87
N GLY B 70 -8.06 -5.46 6.09
CA GLY B 70 -6.72 -5.06 6.51
C GLY B 70 -5.69 -6.16 6.49
N SER B 71 -4.42 -5.79 6.72
CA SER B 71 -3.35 -6.77 6.82
C SER B 71 -2.13 -6.25 7.58
N GLU B 72 -1.23 -7.18 7.90
CA GLU B 72 0.03 -6.87 8.57
C GLU B 72 -0.15 -6.18 9.91
N THR B 73 -0.29 -4.85 9.86
CA THR B 73 -0.34 -4.03 11.05
C THR B 73 -1.56 -3.11 11.07
N ASP B 74 -2.23 -2.99 9.92
CA ASP B 74 -3.37 -2.07 9.83
C ASP B 74 -4.67 -2.80 9.50
N PHE B 75 -5.67 -2.61 10.36
CA PHE B 75 -6.96 -3.27 10.17
C PHE B 75 -8.13 -2.32 10.42
N THR B 76 -9.26 -2.59 9.78
CA THR B 76 -10.47 -1.80 9.97
C THR B 76 -11.74 -2.65 10.05
N LEU B 77 -12.63 -2.24 10.95
CA LEU B 77 -13.98 -2.80 11.05
C LEU B 77 -14.98 -1.77 10.54
N THR B 78 -15.91 -2.21 9.72
CA THR B 78 -16.92 -1.31 9.16
C THR B 78 -18.34 -1.84 9.36
N ILE B 79 -19.22 -0.96 9.83
CA ILE B 79 -20.65 -1.22 9.85
C ILE B 79 -21.35 -0.24 8.93
N ASP B 80 -21.79 -0.71 7.77
CA ASP B 80 -22.30 0.19 6.73
C ASP B 80 -23.61 0.90 7.08
N SER B 81 -24.33 0.38 8.06
CA SER B 81 -25.57 1.01 8.52
C SER B 81 -25.90 0.65 9.97
N VAL B 82 -25.47 1.51 10.90
CA VAL B 82 -25.60 1.21 12.31
C VAL B 82 -27.07 1.12 12.74
N GLU B 83 -27.34 0.25 13.70
CA GLU B 83 -28.67 0.17 14.31
C GLU B 83 -28.57 0.39 15.82
N THR B 84 -29.73 0.49 16.47
CA THR B 84 -29.79 0.77 17.90
C THR B 84 -29.03 -0.27 18.71
N ASP B 85 -29.21 -1.53 18.35
CA ASP B 85 -28.63 -2.64 19.09
C ASP B 85 -27.14 -2.81 18.79
N ASP B 86 -26.61 -1.90 17.96
CA ASP B 86 -25.20 -1.94 17.61
C ASP B 86 -24.38 -1.18 18.64
N ALA B 87 -25.07 -0.48 19.53
CA ALA B 87 -24.39 0.23 20.62
C ALA B 87 -23.74 -0.76 21.56
N ALA B 88 -22.42 -0.69 21.66
CA ALA B 88 -21.63 -1.64 22.43
C ALA B 88 -20.20 -1.15 22.45
N THR B 89 -19.33 -1.88 23.15
CA THR B 89 -17.90 -1.67 23.04
C THR B 89 -17.29 -2.73 22.14
N TYR B 90 -16.42 -2.32 21.23
CA TYR B 90 -15.80 -3.25 20.28
C TYR B 90 -14.31 -3.43 20.55
N TYR B 91 -13.85 -4.69 20.55
CA TYR B 91 -12.45 -4.98 20.82
C TYR B 91 -11.81 -5.79 19.70
N CYS B 92 -10.58 -5.45 19.31
CA CYS B 92 -9.81 -6.33 18.43
C CYS B 92 -8.85 -7.17 19.28
N GLN B 93 -8.44 -8.32 18.76
CA GLN B 93 -7.53 -9.20 19.51
C GLN B 93 -6.60 -9.94 18.55
N GLN B 94 -5.37 -10.19 18.99
CA GLN B 94 -4.42 -10.96 18.20
C GLN B 94 -3.96 -12.20 18.95
N ASN B 95 -3.59 -13.23 18.20
CA ASN B 95 -2.95 -14.41 18.78
C ASN B 95 -1.77 -14.93 17.94
N ASN B 96 -1.16 -14.03 17.19
CA ASN B 96 0.03 -14.36 16.41
C ASN B 96 1.23 -14.73 17.27
N GLU B 97 1.27 -14.20 18.50
CA GLU B 97 2.29 -14.60 19.47
C GLU B 97 1.83 -14.42 20.92
N ASP B 98 2.29 -15.31 21.78
CA ASP B 98 2.00 -15.22 23.21
C ASP B 98 2.74 -14.05 23.86
N PRO B 99 2.09 -13.36 24.79
CA PRO B 99 0.72 -13.59 25.21
C PRO B 99 -0.26 -12.87 24.28
N TYR B 100 -1.48 -13.39 24.17
CA TYR B 100 -2.52 -12.75 23.37
C TYR B 100 -2.75 -11.34 23.92
N THR B 101 -2.99 -10.39 23.02
CA THR B 101 -3.24 -9.01 23.44
C THR B 101 -4.51 -8.45 22.80
N PHE B 102 -5.12 -7.51 23.51
CA PHE B 102 -6.34 -6.86 23.04
C PHE B 102 -6.09 -5.38 22.79
N GLY B 103 -6.84 -4.81 21.84
CA GLY B 103 -6.83 -3.39 21.61
C GLY B 103 -7.47 -2.65 22.77
N GLY B 104 -7.28 -1.33 22.81
CA GLY B 104 -7.76 -0.54 23.92
C GLY B 104 -9.28 -0.42 24.01
N GLY B 105 -9.96 -0.80 22.94
CA GLY B 105 -11.41 -0.75 22.92
C GLY B 105 -11.97 0.51 22.29
N THR B 106 -12.99 0.34 21.46
CA THR B 106 -13.65 1.49 20.85
C THR B 106 -15.13 1.49 21.20
N LYS B 107 -15.60 2.58 21.78
CA LYS B 107 -16.99 2.66 22.23
C LYS B 107 -17.87 3.37 21.21
N LEU B 108 -18.87 2.64 20.73
CA LEU B 108 -19.77 3.14 19.70
C LEU B 108 -21.08 3.62 20.32
N GLU B 109 -21.47 4.84 19.96
CA GLU B 109 -22.75 5.37 20.40
C GLU B 109 -23.68 5.53 19.21
N ILE B 110 -24.98 5.59 19.48
CA ILE B 110 -25.96 5.71 18.43
C ILE B 110 -26.69 7.01 18.52
N LYS B 111 -26.39 7.81 17.52
CA LYS B 111 -26.75 9.19 17.51
C LYS B 111 -28.15 9.36 16.96
N ARG B 112 -29.11 9.12 17.84
CA ARG B 112 -30.48 9.51 17.59
C ARG B 112 -30.53 11.04 17.70
N ALA B 113 -31.70 11.62 17.52
CA ALA B 113 -31.83 13.06 17.55
C ALA B 113 -31.65 13.54 18.98
N ASP B 114 -31.13 14.75 19.15
CA ASP B 114 -30.92 15.30 20.48
C ASP B 114 -32.24 15.44 21.22
N ALA B 115 -32.17 15.23 22.53
CA ALA B 115 -33.34 15.27 23.39
C ALA B 115 -33.00 15.85 24.76
N ALA B 116 -33.80 16.82 25.20
CA ALA B 116 -33.62 17.40 26.51
C ALA B 116 -34.00 16.34 27.54
N PRO B 117 -33.28 16.32 28.67
CA PRO B 117 -33.57 15.37 29.75
C PRO B 117 -34.90 15.65 30.43
N THR B 118 -35.56 14.59 30.85
CA THR B 118 -36.72 14.72 31.72
C THR B 118 -36.23 14.70 33.16
N VAL B 119 -36.44 15.81 33.86
CA VAL B 119 -35.92 15.96 35.20
C VAL B 119 -36.97 15.79 36.29
N SER B 120 -36.67 14.91 37.24
CA SER B 120 -37.55 14.65 38.36
C SER B 120 -36.74 14.67 39.64
N ILE B 121 -37.24 15.35 40.67
CA ILE B 121 -36.51 15.40 41.94
C ILE B 121 -37.28 14.72 43.07
N PHE B 122 -36.54 14.00 43.91
CA PHE B 122 -37.11 13.21 44.99
C PHE B 122 -36.39 13.46 46.31
N PRO B 123 -37.13 13.97 47.31
CA PRO B 123 -36.70 14.11 48.71
C PRO B 123 -36.42 12.76 49.36
N PRO B 124 -35.66 12.74 50.47
CA PRO B 124 -35.48 11.53 51.28
C PRO B 124 -36.80 10.89 51.68
N SER B 125 -36.81 9.57 51.77
CA SER B 125 -37.96 8.83 52.30
C SER B 125 -38.02 8.93 53.82
N SER B 126 -39.23 8.78 54.37
CA SER B 126 -39.43 8.74 55.82
C SER B 126 -38.59 7.63 56.43
N GLU B 127 -38.55 6.49 55.76
CA GLU B 127 -37.79 5.32 56.20
C GLU B 127 -36.32 5.67 56.39
N GLN B 128 -35.75 6.35 55.39
CA GLN B 128 -34.35 6.75 55.45
C GLN B 128 -34.11 7.71 56.60
N LEU B 129 -35.10 8.57 56.82
CA LEU B 129 -35.04 9.58 57.88
C LEU B 129 -34.99 8.90 59.24
N THR B 130 -35.72 7.80 59.37
CA THR B 130 -35.72 7.03 60.60
C THR B 130 -34.32 6.50 60.93
N SER B 131 -33.55 6.15 59.91
CA SER B 131 -32.18 5.69 60.12
C SER B 131 -31.17 6.82 60.36
N GLY B 132 -31.61 8.07 60.21
CA GLY B 132 -30.75 9.20 60.50
C GLY B 132 -29.98 9.80 59.32
N GLY B 133 -30.23 9.31 58.11
CA GLY B 133 -29.58 9.85 56.92
C GLY B 133 -30.51 10.59 55.98
N ALA B 134 -29.96 11.33 55.03
CA ALA B 134 -30.80 12.13 54.14
C ALA B 134 -30.15 12.29 52.76
N SER B 135 -30.54 11.42 51.84
CA SER B 135 -30.11 11.49 50.45
C SER B 135 -31.20 12.08 49.57
N VAL B 136 -30.85 13.10 48.78
CA VAL B 136 -31.76 13.65 47.79
C VAL B 136 -31.36 13.16 46.40
N VAL B 137 -32.34 12.67 45.65
CA VAL B 137 -32.08 12.06 44.35
C VAL B 137 -32.70 12.85 43.22
N CYS B 138 -31.99 12.99 42.10
CA CYS B 138 -32.52 13.69 40.93
C CYS B 138 -32.30 12.80 39.71
N PHE B 139 -33.38 12.40 39.06
CA PHE B 139 -33.29 11.63 37.82
C PHE B 139 -33.40 12.53 36.59
N LEU B 140 -32.53 12.27 35.63
CA LEU B 140 -32.50 12.95 34.35
C LEU B 140 -32.62 11.91 33.24
N ASN B 141 -33.82 11.69 32.72
CA ASN B 141 -34.05 10.51 31.89
C ASN B 141 -34.19 10.87 30.42
N ASN B 142 -33.69 9.96 29.58
CA ASN B 142 -33.85 9.98 28.13
C ASN B 142 -33.31 11.23 27.42
N PHE B 143 -32.06 11.56 27.70
CA PHE B 143 -31.40 12.69 27.04
C PHE B 143 -30.32 12.21 26.06
N TYR B 144 -29.91 13.08 25.16
CA TYR B 144 -28.82 12.77 24.22
C TYR B 144 -28.28 14.09 23.66
N PRO B 145 -26.94 14.23 23.54
CA PRO B 145 -25.80 13.35 23.82
C PRO B 145 -25.44 13.17 25.28
N LYS B 146 -24.38 12.41 25.53
CA LYS B 146 -24.03 11.94 26.86
C LYS B 146 -23.66 13.12 27.73
N ASP B 147 -23.05 14.14 27.15
CA ASP B 147 -22.50 15.19 27.98
C ASP B 147 -23.66 15.97 28.57
N ILE B 148 -23.55 16.23 29.87
CA ILE B 148 -24.57 16.93 30.62
C ILE B 148 -23.91 17.39 31.91
N ASN B 149 -24.46 18.42 32.55
CA ASN B 149 -23.94 18.81 33.86
C ASN B 149 -25.06 19.17 34.81
N VAL B 150 -24.91 18.77 36.06
CA VAL B 150 -25.88 19.10 37.09
C VAL B 150 -25.28 19.97 38.19
N LYS B 151 -26.03 20.97 38.63
CA LYS B 151 -25.59 21.78 39.76
C LYS B 151 -26.64 21.75 40.86
N TRP B 152 -26.18 21.52 42.09
CA TRP B 152 -27.05 21.58 43.26
C TRP B 152 -26.96 22.91 43.97
N LYS B 153 -28.10 23.43 44.43
CA LYS B 153 -28.08 24.56 45.35
C LYS B 153 -28.94 24.28 46.58
N ILE B 154 -28.47 24.73 47.74
CA ILE B 154 -29.25 24.69 48.96
C ILE B 154 -29.46 26.12 49.45
N ASP B 155 -30.72 26.54 49.57
CA ASP B 155 -31.04 27.92 49.92
C ASP B 155 -30.26 28.93 49.07
N GLY B 156 -30.13 28.65 47.79
CA GLY B 156 -29.48 29.55 46.86
C GLY B 156 -27.96 29.46 46.90
N SER B 157 -27.43 28.67 47.82
CA SER B 157 -25.98 28.48 47.89
C SER B 157 -25.52 27.20 47.22
N GLU B 158 -24.60 27.34 46.26
CA GLU B 158 -24.08 26.20 45.50
C GLU B 158 -23.44 25.14 46.38
N ARG B 159 -23.80 23.88 46.15
CA ARG B 159 -23.23 22.79 46.92
C ARG B 159 -22.46 21.88 45.99
N GLN B 160 -21.15 21.79 46.24
CA GLN B 160 -20.27 20.94 45.45
C GLN B 160 -19.98 19.61 46.15
N ASN B 161 -19.83 19.68 47.47
CA ASN B 161 -19.49 18.51 48.27
C ASN B 161 -20.66 17.56 48.48
N GLY B 162 -20.37 16.26 48.47
CA GLY B 162 -21.41 15.27 48.74
C GLY B 162 -22.22 14.88 47.52
N VAL B 163 -21.73 15.22 46.33
CA VAL B 163 -22.48 14.92 45.12
C VAL B 163 -21.88 13.69 44.42
N LEU B 164 -22.75 12.73 44.13
CA LEU B 164 -22.35 11.52 43.42
C LEU B 164 -23.18 11.43 42.14
N ASN B 165 -22.55 11.09 41.01
CA ASN B 165 -23.29 11.01 39.76
C ASN B 165 -23.12 9.66 39.06
N SER B 166 -24.16 9.22 38.36
CA SER B 166 -24.11 8.01 37.55
C SER B 166 -24.89 8.11 36.24
N TRP B 167 -24.41 7.41 35.22
CA TRP B 167 -25.02 7.45 33.88
C TRP B 167 -25.22 6.02 33.40
N THR B 168 -26.40 5.75 32.85
CA THR B 168 -26.65 4.47 32.19
C THR B 168 -25.93 4.40 30.86
N ASP B 169 -25.70 3.19 30.38
CA ASP B 169 -25.26 2.99 29.01
C ASP B 169 -26.44 3.19 28.07
N GLN B 170 -26.16 3.29 26.77
CA GLN B 170 -27.21 3.53 25.79
C GLN B 170 -28.36 2.53 25.81
N ASP B 171 -29.57 3.07 25.85
CA ASP B 171 -30.77 2.26 25.97
C ASP B 171 -30.97 1.39 24.74
N SER B 172 -31.26 0.11 24.95
CA SER B 172 -31.42 -0.83 23.85
C SER B 172 -32.64 -0.53 22.97
N LYS B 173 -33.63 0.13 23.55
CA LYS B 173 -34.86 0.47 22.83
C LYS B 173 -34.89 1.83 22.12
N ASP B 174 -34.50 2.89 22.82
CA ASP B 174 -34.65 4.26 22.29
C ASP B 174 -33.37 5.06 22.06
N SER B 175 -32.22 4.45 22.32
CA SER B 175 -30.92 5.08 22.07
C SER B 175 -30.67 6.32 22.90
N THR B 176 -31.43 6.46 23.98
CA THR B 176 -31.20 7.57 24.89
C THR B 176 -30.28 7.20 26.04
N TYR B 177 -29.97 8.21 26.84
CA TYR B 177 -29.11 8.06 28.01
C TYR B 177 -29.91 8.49 29.21
N SER B 178 -29.53 8.02 30.39
CA SER B 178 -30.15 8.50 31.61
C SER B 178 -29.09 8.75 32.66
N MET B 179 -29.42 9.58 33.63
CA MET B 179 -28.47 9.93 34.68
C MET B 179 -29.20 10.00 36.01
N SER B 180 -28.52 9.52 37.05
CA SER B 180 -29.01 9.65 38.42
C SER B 180 -27.99 10.46 39.19
N SER B 181 -28.46 11.42 39.98
CA SER B 181 -27.54 12.20 40.78
C SER B 181 -28.02 12.21 42.23
N THR B 182 -27.11 11.88 43.13
CA THR B 182 -27.45 11.79 44.54
C THR B 182 -26.60 12.72 45.38
N LEU B 183 -27.28 13.62 46.09
CA LEU B 183 -26.63 14.49 47.05
C LEU B 183 -26.87 13.90 48.43
N THR B 184 -25.81 13.57 49.16
CA THR B 184 -26.02 12.91 50.44
C THR B 184 -25.64 13.80 51.61
N LEU B 185 -26.58 13.97 52.52
CA LEU B 185 -26.40 14.79 53.71
C LEU B 185 -26.81 13.99 54.94
N THR B 186 -26.42 14.50 56.10
CA THR B 186 -27.00 14.04 57.36
C THR B 186 -28.40 14.63 57.51
N LYS B 187 -29.24 13.96 58.31
CA LYS B 187 -30.58 14.46 58.59
C LYS B 187 -30.56 15.83 59.28
N ASP B 188 -29.58 16.02 60.16
CA ASP B 188 -29.45 17.25 60.93
C ASP B 188 -29.14 18.49 60.07
N GLU B 189 -28.25 18.30 59.11
CA GLU B 189 -27.89 19.38 58.18
C GLU B 189 -29.10 19.67 57.30
N TYR B 190 -29.74 18.60 56.84
CA TYR B 190 -30.91 18.67 55.96
C TYR B 190 -32.06 19.46 56.58
N GLU B 191 -32.32 19.24 57.86
CA GLU B 191 -33.46 19.88 58.53
C GLU B 191 -33.25 21.35 58.86
N ARG B 192 -32.04 21.83 58.67
CA ARG B 192 -31.74 23.24 58.88
C ARG B 192 -32.18 24.12 57.72
N HIS B 193 -32.26 23.53 56.53
CA HIS B 193 -32.51 24.30 55.31
C HIS B 193 -33.91 24.12 54.72
N ASN B 194 -34.29 25.04 53.83
CA ASN B 194 -35.62 25.09 53.23
C ASN B 194 -35.63 24.60 51.81
N SER B 195 -35.30 25.48 50.87
CA SER B 195 -35.39 25.13 49.47
C SER B 195 -34.16 24.34 49.00
N TYR B 196 -34.42 23.38 48.15
CA TYR B 196 -33.38 22.52 47.58
C TYR B 196 -33.56 22.53 46.07
N THR B 197 -32.46 22.70 45.33
CA THR B 197 -32.57 22.86 43.89
C THR B 197 -31.58 21.98 43.14
N CYS B 198 -32.09 21.36 42.07
CA CYS B 198 -31.31 20.61 41.10
C CYS B 198 -31.44 21.31 39.75
N GLU B 199 -30.31 21.55 39.10
CA GLU B 199 -30.30 22.26 37.83
C GLU B 199 -29.59 21.44 36.77
N ALA B 200 -30.27 21.20 35.65
CA ALA B 200 -29.66 20.41 34.57
C ALA B 200 -29.32 21.31 33.39
N THR B 201 -28.04 21.30 33.05
CA THR B 201 -27.50 22.00 31.88
C THR B 201 -27.12 20.99 30.80
N HIS B 202 -27.63 21.19 29.60
CA HIS B 202 -27.37 20.24 28.52
C HIS B 202 -27.27 20.99 27.19
N LYS B 203 -26.67 20.34 26.20
CA LYS B 203 -26.54 20.86 24.85
C LYS B 203 -27.85 21.45 24.32
N THR B 204 -28.94 20.75 24.60
CA THR B 204 -30.24 21.12 24.06
C THR B 204 -30.88 22.29 24.81
N SER B 205 -30.27 22.69 25.92
CA SER B 205 -30.87 23.71 26.78
C SER B 205 -29.86 24.79 27.12
N THR B 206 -30.11 26.00 26.63
CA THR B 206 -29.23 27.14 26.91
C THR B 206 -29.38 27.65 28.34
N SER B 207 -30.58 28.12 28.67
CA SER B 207 -31.01 28.24 30.05
C SER B 207 -31.49 26.90 30.58
N PRO B 208 -30.87 26.42 31.68
CA PRO B 208 -31.04 25.05 32.17
C PRO B 208 -32.47 24.78 32.62
N ILE B 209 -32.91 23.53 32.51
CA ILE B 209 -34.15 23.10 33.14
C ILE B 209 -33.92 22.81 34.62
N VAL B 210 -34.72 23.48 35.46
CA VAL B 210 -34.50 23.51 36.90
C VAL B 210 -35.66 22.89 37.67
N LYS B 211 -35.36 21.95 38.55
CA LYS B 211 -36.39 21.39 39.44
C LYS B 211 -35.99 21.53 40.90
N SER B 212 -36.94 21.96 41.72
CA SER B 212 -36.66 22.25 43.13
C SER B 212 -37.79 21.77 44.04
N PHE B 213 -37.51 21.64 45.34
CA PHE B 213 -38.60 21.53 46.32
C PHE B 213 -38.33 22.22 47.65
N ASN B 214 -39.40 22.47 48.39
CA ASN B 214 -39.35 22.97 49.76
C ASN B 214 -39.76 21.83 50.70
N ARG B 215 -38.92 21.53 51.69
CA ARG B 215 -39.18 20.41 52.58
C ARG B 215 -40.48 20.57 53.38
N ASN B 216 -40.73 21.77 53.88
CA ASN B 216 -41.96 22.01 54.64
C ASN B 216 -43.18 22.27 53.75
N GLN C 1 -26.37 -28.61 23.39
CA GLN C 1 -26.19 -27.19 23.62
C GLN C 1 -24.96 -26.91 24.48
N VAL C 2 -24.03 -26.11 23.97
CA VAL C 2 -22.78 -25.86 24.66
C VAL C 2 -22.95 -24.80 25.75
N GLN C 3 -22.49 -25.13 26.95
CA GLN C 3 -22.52 -24.20 28.08
C GLN C 3 -21.22 -24.18 28.86
N LEU C 4 -20.72 -22.99 29.15
CA LEU C 4 -19.57 -22.83 30.03
C LEU C 4 -20.03 -22.05 31.26
N LEU C 5 -20.23 -22.75 32.38
CA LEU C 5 -20.81 -22.12 33.56
C LEU C 5 -19.79 -21.65 34.60
N GLN C 6 -19.90 -20.40 35.02
CA GLN C 6 -19.01 -19.91 36.07
C GLN C 6 -19.86 -19.38 37.21
N PRO C 7 -19.32 -19.43 38.44
CA PRO C 7 -19.98 -18.80 39.59
C PRO C 7 -20.15 -17.30 39.38
N GLY C 8 -21.24 -16.75 39.91
CA GLY C 8 -21.59 -15.37 39.66
C GLY C 8 -20.68 -14.35 40.32
N ALA C 9 -20.18 -14.66 41.51
CA ALA C 9 -19.38 -13.71 42.27
C ALA C 9 -18.37 -14.37 43.20
N GLU C 10 -17.27 -13.66 43.47
CA GLU C 10 -16.31 -14.07 44.48
C GLU C 10 -15.84 -12.87 45.30
N LEU C 11 -15.73 -13.07 46.62
CA LEU C 11 -15.19 -12.05 47.50
C LEU C 11 -13.95 -12.60 48.18
N VAL C 12 -12.80 -12.06 47.82
CA VAL C 12 -11.54 -12.56 48.35
C VAL C 12 -10.67 -11.47 48.96
N LYS C 13 -9.88 -11.83 49.96
CA LYS C 13 -9.04 -10.85 50.64
C LYS C 13 -7.76 -10.59 49.85
N PRO C 14 -7.20 -9.38 49.98
CA PRO C 14 -5.91 -9.08 49.35
C PRO C 14 -4.82 -10.04 49.81
N GLY C 15 -3.96 -10.46 48.90
CA GLY C 15 -2.88 -11.38 49.23
C GLY C 15 -3.30 -12.83 49.28
N ALA C 16 -4.60 -13.06 49.44
CA ALA C 16 -5.16 -14.41 49.45
C ALA C 16 -5.16 -15.04 48.06
N SER C 17 -5.71 -16.25 47.96
CA SER C 17 -5.82 -16.95 46.70
C SER C 17 -7.27 -17.25 46.38
N MET C 18 -7.58 -17.41 45.10
CA MET C 18 -8.91 -17.79 44.66
C MET C 18 -8.86 -18.89 43.59
N LYS C 19 -9.93 -19.68 43.53
CA LYS C 19 -10.04 -20.73 42.53
C LYS C 19 -11.39 -20.68 41.81
N LEU C 20 -11.37 -20.26 40.55
CA LEU C 20 -12.60 -20.09 39.78
C LEU C 20 -12.87 -21.31 38.91
N SER C 21 -14.15 -21.68 38.84
CA SER C 21 -14.55 -22.86 38.08
C SER C 21 -15.33 -22.51 36.81
N CYS C 22 -15.20 -23.37 35.81
CA CYS C 22 -15.92 -23.26 34.54
C CYS C 22 -16.41 -24.64 34.15
N LYS C 23 -17.71 -24.87 34.26
CA LYS C 23 -18.28 -26.19 34.01
C LYS C 23 -18.82 -26.30 32.61
N ALA C 24 -18.15 -27.10 31.79
CA ALA C 24 -18.50 -27.24 30.39
C ALA C 24 -19.53 -28.35 30.21
N SER C 25 -20.44 -28.14 29.26
CA SER C 25 -21.43 -29.15 28.91
C SER C 25 -21.87 -29.00 27.46
N GLY C 26 -22.35 -30.09 26.87
CA GLY C 26 -22.88 -30.04 25.52
C GLY C 26 -21.85 -30.46 24.48
N TYR C 27 -20.66 -30.79 24.96
CA TYR C 27 -19.55 -31.16 24.07
C TYR C 27 -18.50 -31.96 24.82
N THR C 28 -17.58 -32.55 24.08
CA THR C 28 -16.46 -33.26 24.68
C THR C 28 -15.44 -32.29 25.27
N PHE C 29 -15.45 -32.18 26.59
CA PHE C 29 -14.62 -31.23 27.33
C PHE C 29 -13.14 -31.31 26.94
N THR C 30 -12.64 -32.53 26.77
CA THR C 30 -11.23 -32.73 26.48
C THR C 30 -10.88 -32.54 25.00
N ASN C 31 -11.87 -32.20 24.19
CA ASN C 31 -11.64 -31.98 22.75
C ASN C 31 -11.26 -30.54 22.40
N TRP C 32 -11.38 -29.65 23.36
CA TRP C 32 -11.16 -28.23 23.13
C TRP C 32 -10.32 -27.61 24.23
N TRP C 33 -9.43 -26.70 23.86
CA TRP C 33 -8.63 -25.98 24.85
C TRP C 33 -9.51 -24.99 25.58
N MET C 34 -9.12 -24.64 26.80
CA MET C 34 -9.85 -23.62 27.56
C MET C 34 -8.91 -22.46 27.88
N HIS C 35 -9.39 -21.24 27.63
CA HIS C 35 -8.62 -20.05 27.93
C HIS C 35 -9.30 -19.28 29.04
N TRP C 36 -8.55 -18.39 29.68
CA TRP C 36 -9.12 -17.51 30.69
C TRP C 36 -8.79 -16.05 30.37
N VAL C 37 -9.78 -15.18 30.49
CA VAL C 37 -9.63 -13.76 30.14
C VAL C 37 -10.36 -12.94 31.19
N ARG C 38 -9.80 -11.79 31.57
CA ARG C 38 -10.49 -10.94 32.53
C ARG C 38 -10.80 -9.56 31.97
N LEU C 39 -11.89 -8.97 32.45
CA LEU C 39 -12.29 -7.63 32.03
C LEU C 39 -12.28 -6.69 33.23
N ARG C 40 -11.37 -5.73 33.20
CA ARG C 40 -11.28 -4.70 34.24
C ARG C 40 -11.97 -3.43 33.80
N PRO C 41 -12.62 -2.73 34.74
CA PRO C 41 -13.34 -1.48 34.43
C PRO C 41 -12.41 -0.43 33.82
N GLY C 42 -12.71 0.01 32.60
CA GLY C 42 -11.92 1.04 31.96
C GLY C 42 -10.52 0.59 31.59
N ARG C 43 -10.26 -0.71 31.67
CA ARG C 43 -8.93 -1.23 31.36
C ARG C 43 -8.95 -2.35 30.32
N GLY C 44 -10.13 -2.68 29.82
CA GLY C 44 -10.25 -3.63 28.73
C GLY C 44 -10.13 -5.08 29.14
N LEU C 45 -9.86 -5.94 28.16
CA LEU C 45 -9.78 -7.37 28.38
C LEU C 45 -8.32 -7.80 28.47
N GLU C 46 -8.04 -8.76 29.33
CA GLU C 46 -6.67 -9.22 29.55
C GLU C 46 -6.61 -10.74 29.51
N TRP C 47 -5.67 -11.27 28.73
CA TRP C 47 -5.52 -12.72 28.59
C TRP C 47 -4.65 -13.28 29.70
N ILE C 48 -5.12 -14.37 30.32
CA ILE C 48 -4.42 -14.95 31.46
C ILE C 48 -3.63 -16.21 31.10
N GLY C 49 -4.28 -17.11 30.36
CA GLY C 49 -3.65 -18.35 29.95
C GLY C 49 -4.57 -19.32 29.24
N ARG C 50 -4.00 -20.45 28.83
CA ARG C 50 -4.77 -21.51 28.19
C ARG C 50 -4.30 -22.90 28.64
N ILE C 51 -5.18 -23.89 28.55
CA ILE C 51 -4.84 -25.26 28.89
C ILE C 51 -5.56 -26.25 27.98
N ASP C 52 -4.86 -27.33 27.62
CA ASP C 52 -5.48 -28.45 26.90
C ASP C 52 -5.92 -29.49 27.92
N PRO C 53 -7.24 -29.62 28.15
CA PRO C 53 -7.81 -30.55 29.12
C PRO C 53 -7.44 -32.00 28.85
N ASN C 54 -7.20 -32.34 27.59
CA ASN C 54 -6.86 -33.70 27.20
C ASN C 54 -5.51 -34.15 27.76
N SER C 55 -4.54 -33.26 27.72
CA SER C 55 -3.15 -33.62 28.01
C SER C 55 -2.60 -32.80 29.16
N ASP C 56 -3.42 -31.87 29.66
CA ASP C 56 -3.04 -30.97 30.75
C ASP C 56 -1.88 -30.04 30.42
N VAL C 57 -1.52 -29.98 29.14
CA VAL C 57 -0.55 -29.01 28.64
C VAL C 57 -1.15 -27.62 28.80
N ASN C 58 -0.31 -26.66 29.19
CA ASN C 58 -0.77 -25.30 29.42
C ASN C 58 0.24 -24.21 29.06
N LYS C 59 -0.24 -22.97 29.08
CA LYS C 59 0.59 -21.81 28.79
C LYS C 59 0.02 -20.61 29.53
N TYR C 60 0.91 -19.84 30.16
CA TYR C 60 0.48 -18.70 30.97
C TYR C 60 0.91 -17.40 30.31
N ASN C 61 0.20 -16.32 30.62
CA ASN C 61 0.71 -14.98 30.34
C ASN C 61 1.85 -14.75 31.33
N GLU C 62 2.99 -14.30 30.83
CA GLU C 62 4.17 -14.13 31.68
C GLU C 62 3.92 -13.20 32.86
N LYS C 63 3.01 -12.24 32.67
CA LYS C 63 2.63 -11.30 33.73
C LYS C 63 2.01 -12.03 34.92
N PHE C 64 1.39 -13.17 34.65
CA PHE C 64 0.65 -13.93 35.65
C PHE C 64 1.34 -15.24 36.01
N GLU C 65 2.45 -15.54 35.34
CA GLU C 65 3.06 -16.86 35.41
C GLU C 65 3.40 -17.28 36.83
N ASN C 66 3.97 -16.35 37.59
CA ASN C 66 4.37 -16.63 38.97
C ASN C 66 3.19 -16.63 39.93
N ARG C 67 1.99 -16.39 39.41
CA ARG C 67 0.86 -16.05 40.25
C ARG C 67 -0.38 -16.90 39.94
N ALA C 68 -0.35 -17.59 38.79
CA ALA C 68 -1.54 -18.29 38.31
C ALA C 68 -1.32 -19.78 38.10
N SER C 69 -2.42 -20.54 38.12
CA SER C 69 -2.38 -21.98 37.93
C SER C 69 -3.64 -22.48 37.24
N LEU C 70 -3.48 -23.07 36.05
CA LEU C 70 -4.60 -23.64 35.32
C LEU C 70 -4.66 -25.14 35.53
N THR C 71 -5.84 -25.64 35.89
CA THR C 71 -6.02 -27.07 36.14
C THR C 71 -7.37 -27.49 35.59
N VAL C 72 -7.60 -28.79 35.44
CA VAL C 72 -8.93 -29.25 35.07
C VAL C 72 -9.39 -30.46 35.88
N ASP C 73 -10.69 -30.68 35.88
CA ASP C 73 -11.30 -31.91 36.35
C ASP C 73 -12.16 -32.47 35.22
N LYS C 74 -11.60 -33.47 34.54
CA LYS C 74 -12.25 -34.14 33.40
C LYS C 74 -13.58 -34.79 33.77
N HIS C 75 -13.62 -35.38 34.95
CA HIS C 75 -14.81 -36.09 35.45
C HIS C 75 -16.06 -35.22 35.45
N SER C 76 -15.91 -33.97 35.85
CA SER C 76 -17.03 -33.05 35.93
C SER C 76 -17.04 -32.08 34.76
N SER C 77 -16.11 -32.28 33.83
CA SER C 77 -15.95 -31.40 32.67
C SER C 77 -15.82 -29.96 33.12
N THR C 78 -14.96 -29.73 34.10
CA THR C 78 -14.81 -28.41 34.69
C THR C 78 -13.37 -27.96 34.63
N ALA C 79 -13.13 -26.73 34.20
CA ALA C 79 -11.77 -26.20 34.20
C ALA C 79 -11.66 -25.23 35.36
N TYR C 80 -10.48 -25.17 35.98
CA TYR C 80 -10.25 -24.30 37.11
C TYR C 80 -9.08 -23.37 36.85
N MET C 81 -9.16 -22.18 37.44
CA MET C 81 -8.07 -21.22 37.40
C MET C 81 -7.84 -20.66 38.79
N GLN C 82 -6.61 -20.77 39.28
CA GLN C 82 -6.28 -20.27 40.60
C GLN C 82 -5.33 -19.10 40.50
N LEU C 83 -5.60 -18.06 41.29
CA LEU C 83 -4.76 -16.88 41.31
C LEU C 83 -4.54 -16.40 42.75
N SER C 84 -3.27 -16.23 43.12
CA SER C 84 -2.93 -15.86 44.49
C SER C 84 -2.31 -14.46 44.53
N SER C 85 -1.98 -14.01 45.73
CA SER C 85 -1.45 -12.66 45.94
C SER C 85 -2.34 -11.62 45.26
N LEU C 86 -3.64 -11.74 45.50
CA LEU C 86 -4.64 -10.89 44.86
C LEU C 86 -4.58 -9.46 45.37
N THR C 87 -4.70 -8.49 44.46
CA THR C 87 -4.85 -7.11 44.87
C THR C 87 -6.14 -6.50 44.30
N SER C 88 -6.37 -5.22 44.62
CA SER C 88 -7.54 -4.53 44.10
C SER C 88 -7.48 -4.38 42.59
N GLU C 89 -6.26 -4.46 42.05
CA GLU C 89 -6.03 -4.41 40.62
C GLU C 89 -6.53 -5.66 39.91
N ASP C 90 -6.85 -6.68 40.70
CA ASP C 90 -7.34 -7.95 40.16
C ASP C 90 -8.85 -8.08 40.23
N SER C 91 -9.50 -7.03 40.75
CA SER C 91 -10.95 -6.93 40.68
C SER C 91 -11.40 -6.78 39.23
N ALA C 92 -12.13 -7.78 38.74
CA ALA C 92 -12.56 -7.81 37.35
C ALA C 92 -13.65 -8.86 37.13
N ILE C 93 -14.16 -8.93 35.91
CA ILE C 93 -15.04 -10.04 35.53
C ILE C 93 -14.25 -11.09 34.79
N TYR C 94 -14.20 -12.31 35.35
CA TYR C 94 -13.39 -13.36 34.77
C TYR C 94 -14.22 -14.32 33.92
N TYR C 95 -13.80 -14.49 32.67
CA TYR C 95 -14.48 -15.36 31.73
C TYR C 95 -13.57 -16.51 31.36
N CYS C 96 -14.15 -17.71 31.28
CA CYS C 96 -13.49 -18.81 30.60
C CYS C 96 -14.03 -18.85 29.18
N ALA C 97 -13.22 -19.30 28.24
CA ALA C 97 -13.64 -19.32 26.85
C ALA C 97 -13.07 -20.51 26.11
N ARG C 98 -13.91 -21.12 25.28
CA ARG C 98 -13.51 -22.28 24.51
C ARG C 98 -12.77 -21.82 23.26
N TRP C 99 -11.63 -22.43 22.98
CA TRP C 99 -10.82 -22.06 21.84
C TRP C 99 -11.31 -22.77 20.58
N PHE C 100 -11.73 -21.99 19.59
CA PHE C 100 -11.94 -22.56 18.27
C PHE C 100 -10.60 -22.69 17.59
N PHE C 101 -10.01 -23.88 17.74
CA PHE C 101 -8.64 -24.15 17.33
C PHE C 101 -8.47 -23.98 15.82
N PRO C 102 -7.42 -23.26 15.41
CA PRO C 102 -6.48 -22.59 16.28
C PRO C 102 -6.70 -21.08 16.24
N TRP C 103 -7.95 -20.65 16.17
CA TRP C 103 -8.25 -19.24 15.94
C TRP C 103 -8.85 -18.53 17.16
N TYR C 104 -10.16 -18.35 17.12
CA TYR C 104 -10.85 -17.46 18.04
C TYR C 104 -11.53 -18.21 19.19
N PHE C 105 -12.18 -17.45 20.06
CA PHE C 105 -12.97 -17.99 21.14
C PHE C 105 -14.43 -18.04 20.73
N ASP C 106 -14.96 -19.25 20.58
CA ASP C 106 -16.31 -19.44 20.05
C ASP C 106 -17.41 -19.40 21.12
N VAL C 107 -17.10 -19.91 22.32
CA VAL C 107 -18.06 -19.92 23.41
C VAL C 107 -17.48 -19.29 24.67
N TRP C 108 -18.20 -18.32 25.23
CA TRP C 108 -17.74 -17.64 26.43
C TRP C 108 -18.54 -18.05 27.67
N GLY C 109 -17.84 -18.18 28.79
CA GLY C 109 -18.47 -18.49 30.06
C GLY C 109 -19.42 -17.41 30.52
N THR C 110 -20.20 -17.72 31.55
CA THR C 110 -21.17 -16.79 32.11
C THR C 110 -20.49 -15.60 32.80
N GLY C 111 -19.25 -15.80 33.22
CA GLY C 111 -18.47 -14.76 33.85
C GLY C 111 -18.60 -14.75 35.35
N THR C 112 -17.48 -14.49 36.02
CA THR C 112 -17.41 -14.44 37.48
C THR C 112 -16.91 -13.08 37.95
N THR C 113 -17.78 -12.31 38.57
CA THR C 113 -17.37 -10.99 39.07
C THR C 113 -16.54 -11.19 40.33
N VAL C 114 -15.25 -10.86 40.23
CA VAL C 114 -14.34 -11.06 41.35
C VAL C 114 -14.00 -9.75 42.03
N THR C 115 -14.23 -9.69 43.32
CA THR C 115 -13.87 -8.53 44.14
C THR C 115 -12.77 -8.91 45.12
N VAL C 116 -11.65 -8.19 45.07
CA VAL C 116 -10.60 -8.43 46.04
C VAL C 116 -10.68 -7.36 47.12
N SER C 117 -11.26 -7.73 48.26
CA SER C 117 -11.51 -6.80 49.34
C SER C 117 -11.36 -7.46 50.70
N SER C 118 -11.40 -6.66 51.76
CA SER C 118 -11.38 -7.17 53.12
C SER C 118 -12.62 -6.63 53.84
N ALA C 119 -13.39 -5.83 53.10
CA ALA C 119 -14.71 -5.37 53.53
C ALA C 119 -15.58 -6.55 53.96
N LYS C 120 -16.51 -6.31 54.87
CA LYS C 120 -17.49 -7.33 55.20
C LYS C 120 -18.87 -7.17 54.57
N THR C 121 -19.62 -8.27 54.62
CA THR C 121 -20.96 -8.39 54.03
C THR C 121 -21.96 -7.45 54.68
N THR C 122 -22.72 -6.72 53.86
CA THR C 122 -23.61 -5.71 54.37
C THR C 122 -24.90 -5.70 53.55
N ALA C 123 -26.02 -5.86 54.23
CA ALA C 123 -27.34 -5.80 53.61
C ALA C 123 -27.70 -4.41 53.14
N PRO C 124 -28.43 -4.30 52.03
CA PRO C 124 -28.80 -2.96 51.56
C PRO C 124 -29.96 -2.39 52.34
N SER C 125 -30.05 -1.07 52.38
CA SER C 125 -31.24 -0.39 52.83
C SER C 125 -32.07 -0.06 51.61
N VAL C 126 -33.39 -0.25 51.69
CA VAL C 126 -34.23 -0.01 50.52
C VAL C 126 -35.26 1.06 50.89
N TYR C 127 -35.23 2.16 50.15
CA TYR C 127 -36.12 3.28 50.43
C TYR C 127 -37.03 3.59 49.24
N PRO C 128 -38.32 3.76 49.51
CA PRO C 128 -39.23 4.15 48.41
C PRO C 128 -39.09 5.63 48.13
N LEU C 129 -39.11 6.01 46.86
CA LEU C 129 -39.05 7.41 46.48
C LEU C 129 -40.36 7.88 45.84
N ALA C 130 -41.18 8.53 46.64
CA ALA C 130 -42.46 9.08 46.21
C ALA C 130 -42.28 10.58 45.95
N PRO C 131 -43.09 11.14 45.04
CA PRO C 131 -42.96 12.56 44.66
C PRO C 131 -43.25 13.55 45.79
N VAL C 132 -42.79 14.78 45.59
CA VAL C 132 -43.05 15.91 46.46
C VAL C 132 -44.54 16.13 46.55
N CYS C 133 -45.04 16.43 47.75
CA CYS C 133 -46.47 16.68 47.92
C CYS C 133 -46.96 17.92 47.16
N GLY C 134 -46.02 18.63 46.50
CA GLY C 134 -46.36 19.71 45.61
C GLY C 134 -45.60 19.56 44.31
N GLY C 135 -45.24 18.33 44.01
CA GLY C 135 -44.45 18.02 42.85
C GLY C 135 -45.20 17.17 41.83
N THR C 136 -46.43 16.81 42.15
CA THR C 136 -47.29 16.03 41.25
C THR C 136 -47.64 16.82 40.00
N THR C 137 -46.65 17.03 39.13
CA THR C 137 -46.90 17.58 37.80
C THR C 137 -47.04 16.50 36.73
N GLY C 138 -47.63 16.86 35.60
CA GLY C 138 -47.58 16.04 34.41
C GLY C 138 -48.70 15.02 34.28
N SER C 139 -48.92 14.57 33.05
CA SER C 139 -49.96 13.59 32.73
C SER C 139 -49.51 12.20 33.16
N SER C 140 -48.21 12.06 33.44
CA SER C 140 -47.66 10.80 33.89
C SER C 140 -46.67 10.98 35.04
N VAL C 141 -46.91 10.26 36.13
CA VAL C 141 -46.12 10.35 37.34
C VAL C 141 -44.90 9.41 37.33
N THR C 142 -43.80 9.89 37.89
CA THR C 142 -42.57 9.11 37.98
C THR C 142 -42.23 8.78 39.44
N LEU C 143 -41.93 7.51 39.70
CA LEU C 143 -41.57 7.03 41.04
C LEU C 143 -40.17 6.44 41.04
N GLY C 144 -39.60 6.25 42.23
CA GLY C 144 -38.24 5.71 42.31
C GLY C 144 -37.98 4.78 43.47
N CYS C 145 -36.83 4.11 43.44
CA CYS C 145 -36.41 3.22 44.50
C CYS C 145 -34.91 3.38 44.75
N LEU C 146 -34.55 3.65 45.99
CA LEU C 146 -33.15 3.86 46.37
C LEU C 146 -32.55 2.75 47.22
N VAL C 147 -31.48 2.12 46.74
CA VAL C 147 -30.86 1.00 47.43
C VAL C 147 -29.46 1.40 47.90
N LYS C 148 -29.31 1.64 49.20
CA LYS C 148 -28.10 2.28 49.72
C LYS C 148 -27.34 1.42 50.73
N GLY C 149 -26.01 1.49 50.67
CA GLY C 149 -25.19 0.98 51.75
C GLY C 149 -25.01 -0.53 51.83
N TYR C 150 -24.85 -1.17 50.68
CA TYR C 150 -24.69 -2.63 50.64
C TYR C 150 -23.31 -3.05 50.18
N PHE C 151 -22.98 -4.31 50.46
CA PHE C 151 -21.73 -4.89 50.00
C PHE C 151 -21.80 -6.40 50.18
N PRO C 152 -21.19 -7.17 49.26
CA PRO C 152 -20.64 -6.75 47.97
C PRO C 152 -21.70 -6.60 46.88
N GLU C 153 -21.24 -6.27 45.66
CA GLU C 153 -22.05 -6.35 44.47
C GLU C 153 -22.40 -7.83 44.22
N PRO C 154 -23.51 -8.11 43.49
CA PRO C 154 -24.51 -7.20 42.96
C PRO C 154 -25.79 -7.22 43.79
N VAL C 155 -26.73 -6.34 43.44
CA VAL C 155 -28.13 -6.50 43.81
C VAL C 155 -29.00 -6.63 42.57
N THR C 156 -30.16 -7.27 42.73
CA THR C 156 -31.14 -7.32 41.64
C THR C 156 -32.42 -6.62 42.04
N LEU C 157 -32.81 -5.60 41.26
CA LEU C 157 -34.01 -4.84 41.55
C LEU C 157 -35.02 -5.06 40.44
N THR C 158 -36.25 -5.36 40.83
CA THR C 158 -37.37 -5.48 39.91
C THR C 158 -38.55 -4.64 40.38
N TRP C 159 -39.55 -4.48 39.52
CA TRP C 159 -40.75 -3.76 39.89
C TRP C 159 -41.94 -4.68 39.71
N ASN C 160 -42.78 -4.76 40.74
CA ASN C 160 -43.91 -5.69 40.74
C ASN C 160 -43.52 -7.12 40.35
N SER C 161 -42.44 -7.60 40.94
CA SER C 161 -41.92 -8.95 40.73
C SER C 161 -41.55 -9.24 39.28
N GLY C 162 -41.24 -8.19 38.52
CA GLY C 162 -40.89 -8.33 37.11
C GLY C 162 -42.03 -8.14 36.12
N SER C 163 -43.25 -8.05 36.62
CA SER C 163 -44.41 -7.82 35.75
C SER C 163 -44.31 -6.46 35.07
N LEU C 164 -43.62 -5.52 35.72
CA LEU C 164 -43.48 -4.17 35.18
C LEU C 164 -42.02 -3.93 34.81
N SER C 165 -41.73 -3.97 33.53
CA SER C 165 -40.36 -3.90 33.03
C SER C 165 -40.13 -2.72 32.08
N SER C 166 -41.20 -2.28 31.42
CA SER C 166 -41.09 -1.14 30.51
C SER C 166 -41.02 0.17 31.28
N GLY C 167 -40.29 1.13 30.72
CA GLY C 167 -40.23 2.48 31.24
C GLY C 167 -39.35 2.53 32.48
N VAL C 168 -38.48 1.53 32.63
CA VAL C 168 -37.65 1.41 33.81
C VAL C 168 -36.20 1.76 33.48
N HIS C 169 -35.54 2.49 34.38
CA HIS C 169 -34.10 2.71 34.30
C HIS C 169 -33.44 2.35 35.62
N THR C 170 -32.60 1.32 35.60
CA THR C 170 -31.89 0.89 36.81
C THR C 170 -30.42 1.26 36.68
N PHE C 171 -29.96 2.07 37.63
CA PHE C 171 -28.66 2.73 37.53
C PHE C 171 -27.54 1.90 38.11
N PRO C 172 -26.33 2.01 37.54
CA PRO C 172 -25.12 1.34 38.03
C PRO C 172 -24.76 1.69 39.48
N ALA C 173 -24.26 0.70 40.20
CA ALA C 173 -23.88 0.85 41.59
C ALA C 173 -22.67 1.78 41.72
N LEU C 174 -22.45 2.29 42.93
CA LEU C 174 -21.39 3.26 43.17
C LEU C 174 -20.77 3.10 44.56
N LEU C 175 -19.48 2.82 44.59
CA LEU C 175 -18.74 2.64 45.83
C LEU C 175 -18.59 3.96 46.58
N GLN C 176 -19.11 4.00 47.80
CA GLN C 176 -18.96 5.16 48.66
C GLN C 176 -18.74 4.71 50.09
N SER C 177 -17.80 5.35 50.78
CA SER C 177 -17.42 5.01 52.15
C SER C 177 -17.13 3.52 52.35
N GLY C 178 -16.94 2.80 51.25
CA GLY C 178 -16.72 1.37 51.28
C GLY C 178 -17.99 0.56 51.07
N LEU C 179 -19.09 1.26 50.79
CA LEU C 179 -20.36 0.60 50.52
C LEU C 179 -20.91 1.00 49.15
N TYR C 180 -21.74 0.14 48.58
CA TYR C 180 -22.34 0.43 47.27
C TYR C 180 -23.68 1.15 47.41
N THR C 181 -23.96 2.05 46.48
CA THR C 181 -25.29 2.63 46.34
C THR C 181 -25.80 2.57 44.90
N LEU C 182 -27.05 2.18 44.70
CA LEU C 182 -27.69 2.33 43.39
C LEU C 182 -29.13 2.81 43.48
N SER C 183 -29.69 3.22 42.34
CA SER C 183 -31.06 3.70 42.28
C SER C 183 -31.79 3.24 41.02
N SER C 184 -33.12 3.26 41.05
CA SER C 184 -33.90 2.91 39.86
C SER C 184 -35.12 3.83 39.77
N SER C 185 -35.42 4.26 38.55
CA SER C 185 -36.63 5.02 38.29
C SER C 185 -37.63 4.26 37.42
N VAL C 186 -38.92 4.50 37.66
CA VAL C 186 -39.97 4.00 36.79
C VAL C 186 -41.01 5.10 36.51
N THR C 187 -41.38 5.25 35.24
CA THR C 187 -42.38 6.27 34.87
C THR C 187 -43.66 5.64 34.36
N VAL C 188 -44.79 6.02 34.96
CA VAL C 188 -46.08 5.47 34.56
C VAL C 188 -47.09 6.59 34.34
N THR C 189 -48.20 6.28 33.68
CA THR C 189 -49.28 7.24 33.49
C THR C 189 -49.93 7.54 34.83
N SER C 190 -50.49 8.75 34.97
CA SER C 190 -51.11 9.17 36.22
C SER C 190 -52.26 8.24 36.60
N ASN C 191 -52.87 7.63 35.58
CA ASN C 191 -53.95 6.68 35.77
C ASN C 191 -53.49 5.43 36.53
N THR C 192 -52.20 5.15 36.45
CA THR C 192 -51.63 3.95 37.06
C THR C 192 -51.36 4.14 38.55
N TRP C 193 -50.84 5.31 38.91
CA TRP C 193 -50.44 5.55 40.30
C TRP C 193 -50.97 6.91 40.74
N PRO C 194 -51.50 6.99 41.97
CA PRO C 194 -51.50 5.97 43.02
C PRO C 194 -52.66 4.98 42.95
N SER C 195 -53.42 5.01 41.85
CA SER C 195 -54.53 4.08 41.67
C SER C 195 -54.12 2.62 41.82
N GLN C 196 -53.20 2.16 40.97
CA GLN C 196 -52.73 0.78 41.05
C GLN C 196 -51.50 0.68 41.96
N THR C 197 -51.25 -0.52 42.48
CA THR C 197 -50.14 -0.73 43.41
C THR C 197 -48.80 -0.90 42.69
N ILE C 198 -47.76 -0.33 43.27
CA ILE C 198 -46.41 -0.44 42.73
C ILE C 198 -45.41 -0.71 43.85
N THR C 199 -44.63 -1.78 43.70
CA THR C 199 -43.68 -2.18 44.74
C THR C 199 -42.30 -2.38 44.13
N CYS C 200 -41.27 -1.92 44.83
CA CYS C 200 -39.89 -2.20 44.45
C CYS C 200 -39.42 -3.46 45.15
N ASN C 201 -38.81 -4.38 44.42
CA ASN C 201 -38.31 -5.60 45.04
C ASN C 201 -36.81 -5.76 44.82
N VAL C 202 -36.07 -5.99 45.91
CA VAL C 202 -34.61 -5.96 45.86
C VAL C 202 -34.03 -7.20 46.52
N ALA C 203 -33.37 -8.03 45.72
CA ALA C 203 -32.67 -9.20 46.22
C ALA C 203 -31.16 -8.95 46.30
N HIS C 204 -30.56 -9.31 47.43
CA HIS C 204 -29.12 -9.23 47.59
C HIS C 204 -28.57 -10.59 48.02
N PRO C 205 -28.20 -11.43 47.04
CA PRO C 205 -27.89 -12.84 47.32
C PRO C 205 -26.68 -13.02 48.22
N ALA C 206 -25.74 -12.07 48.19
CA ALA C 206 -24.55 -12.14 49.03
C ALA C 206 -24.89 -12.10 50.52
N SER C 207 -25.95 -11.37 50.86
CA SER C 207 -26.42 -11.30 52.24
C SER C 207 -27.66 -12.18 52.38
N SER C 208 -28.02 -12.84 51.27
CA SER C 208 -29.22 -13.67 51.20
C SER C 208 -30.49 -12.95 51.63
N THR C 209 -30.62 -11.68 51.24
CA THR C 209 -31.82 -10.92 51.59
C THR C 209 -32.70 -10.59 50.39
N LYS C 210 -34.00 -10.45 50.64
CA LYS C 210 -34.96 -10.01 49.65
C LYS C 210 -35.98 -9.11 50.32
N VAL C 211 -36.23 -7.93 49.74
CA VAL C 211 -37.06 -6.92 50.39
C VAL C 211 -38.01 -6.22 49.43
N ASP C 212 -39.29 -6.18 49.80
CA ASP C 212 -40.30 -5.50 49.00
C ASP C 212 -40.63 -4.17 49.69
N LYS C 213 -40.79 -3.11 48.91
CA LYS C 213 -41.25 -1.83 49.42
C LYS C 213 -42.36 -1.19 48.59
N LYS C 214 -43.52 -1.02 49.22
CA LYS C 214 -44.67 -0.35 48.62
C LYS C 214 -44.46 1.16 48.60
N ILE C 215 -44.79 1.79 47.48
CA ILE C 215 -44.67 3.24 47.34
C ILE C 215 -45.91 3.93 47.89
N GLU C 216 -45.74 4.67 48.97
CA GLU C 216 -46.86 5.35 49.62
C GLU C 216 -46.86 6.84 49.30
N SER C 217 -47.69 7.59 50.03
CA SER C 217 -47.84 9.03 49.82
C SER C 217 -48.20 9.39 48.38
N TYR D 11 30.25 12.67 -56.44
CA TYR D 11 30.57 13.87 -55.69
C TYR D 11 29.77 13.96 -54.41
N VAL D 12 30.18 14.87 -53.52
CA VAL D 12 29.43 15.17 -52.32
C VAL D 12 28.46 16.32 -52.56
N MET D 13 27.44 16.41 -51.72
CA MET D 13 26.44 17.46 -51.82
C MET D 13 27.10 18.81 -51.54
N CYS D 14 26.69 19.85 -52.26
CA CYS D 14 27.19 21.19 -51.97
C CYS D 14 26.80 21.61 -50.56
N THR D 15 27.71 22.30 -49.88
CA THR D 15 27.48 22.74 -48.51
C THR D 15 27.18 24.24 -48.40
N GLY D 16 27.61 25.01 -49.38
CA GLY D 16 27.53 26.46 -49.29
C GLY D 16 26.14 27.06 -49.41
N SER D 17 26.11 28.37 -49.62
CA SER D 17 24.86 29.13 -49.70
C SER D 17 24.56 29.50 -51.14
N PHE D 18 23.31 29.79 -51.46
CA PHE D 18 22.98 30.19 -52.83
C PHE D 18 22.37 31.59 -52.88
N LYS D 19 22.71 32.34 -53.91
CA LYS D 19 22.08 33.64 -54.17
C LYS D 19 21.33 33.56 -55.50
N LEU D 20 20.12 34.12 -55.55
CA LEU D 20 19.37 34.17 -56.80
C LEU D 20 19.90 35.20 -57.78
N GLU D 21 20.23 34.74 -58.99
CA GLU D 21 20.84 35.58 -60.01
C GLU D 21 19.82 36.21 -60.96
N LYS D 22 18.78 35.44 -61.30
CA LYS D 22 17.73 35.93 -62.19
C LYS D 22 16.31 35.67 -61.66
N GLU D 23 15.34 36.35 -62.26
CA GLU D 23 13.93 36.08 -62.03
C GLU D 23 13.55 34.66 -62.45
N VAL D 24 12.64 34.03 -61.70
CA VAL D 24 12.11 32.73 -62.09
C VAL D 24 11.22 32.90 -63.33
N ALA D 25 11.32 31.99 -64.28
CA ALA D 25 10.55 32.13 -65.52
C ALA D 25 9.76 30.87 -65.85
N GLU D 26 8.54 31.03 -66.34
CA GLU D 26 7.75 29.90 -66.80
C GLU D 26 8.02 29.70 -68.29
N THR D 27 8.29 28.46 -68.69
CA THR D 27 8.54 28.18 -70.10
C THR D 27 7.24 28.02 -70.87
N GLN D 28 7.35 27.78 -72.17
CA GLN D 28 6.18 27.63 -73.03
C GLN D 28 5.36 26.42 -72.63
N HIS D 29 6.02 25.42 -72.05
CA HIS D 29 5.37 24.14 -71.77
C HIS D 29 5.30 23.83 -70.27
N GLY D 30 4.90 24.83 -69.48
CA GLY D 30 4.62 24.64 -68.07
C GLY D 30 5.78 24.22 -67.21
N THR D 31 7.00 24.51 -67.64
CA THR D 31 8.17 24.24 -66.80
C THR D 31 8.85 25.54 -66.41
N VAL D 32 9.77 25.48 -65.45
CA VAL D 32 10.48 26.67 -65.01
C VAL D 32 11.99 26.59 -65.20
N LEU D 33 12.59 27.71 -65.59
CA LEU D 33 14.05 27.85 -65.70
C LEU D 33 14.61 28.73 -64.58
N VAL D 34 15.43 28.15 -63.72
CA VAL D 34 16.03 28.89 -62.61
C VAL D 34 17.55 28.98 -62.75
N GLN D 35 18.09 30.20 -62.68
CA GLN D 35 19.53 30.40 -62.76
C GLN D 35 20.02 31.01 -61.45
N VAL D 36 20.91 30.29 -60.79
CA VAL D 36 21.39 30.65 -59.45
C VAL D 36 22.91 30.80 -59.43
N LYS D 37 23.39 31.53 -58.42
CA LYS D 37 24.81 31.75 -58.24
C LYS D 37 25.24 31.12 -56.92
N TYR D 38 26.31 30.34 -56.99
CA TYR D 38 26.77 29.57 -55.84
C TYR D 38 27.75 30.34 -54.97
N GLU D 39 27.62 30.12 -53.67
CA GLU D 39 28.46 30.73 -52.66
C GLU D 39 29.02 29.67 -51.73
N GLY D 40 29.85 28.79 -52.27
CA GLY D 40 30.46 27.75 -51.47
C GLY D 40 31.91 27.55 -51.87
N THR D 41 32.59 26.63 -51.19
CA THR D 41 34.00 26.40 -51.43
C THR D 41 34.30 24.98 -51.91
N ASP D 42 33.28 24.13 -51.88
CA ASP D 42 33.47 22.70 -52.11
C ASP D 42 33.25 22.22 -53.53
N ALA D 43 33.16 23.15 -54.48
CA ALA D 43 33.04 22.76 -55.88
C ALA D 43 34.29 21.98 -56.31
N PRO D 44 34.10 20.91 -57.10
CA PRO D 44 32.81 20.47 -57.64
C PRO D 44 31.98 19.70 -56.62
N CYS D 45 30.66 19.89 -56.67
CA CYS D 45 29.75 19.22 -55.74
C CYS D 45 28.36 19.08 -56.36
N LYS D 46 27.55 18.21 -55.78
CA LYS D 46 26.18 18.03 -56.26
C LYS D 46 25.23 19.02 -55.58
N ILE D 47 24.34 19.62 -56.38
CA ILE D 47 23.44 20.65 -55.88
C ILE D 47 22.19 20.08 -55.23
N PRO D 48 21.96 20.39 -53.95
CA PRO D 48 20.72 19.97 -53.28
C PRO D 48 19.52 20.65 -53.93
N PHE D 49 18.57 19.86 -54.42
CA PHE D 49 17.38 20.41 -55.07
C PHE D 49 16.13 19.63 -54.70
N SER D 50 15.11 20.32 -54.19
CA SER D 50 13.87 19.62 -53.82
C SER D 50 12.67 20.57 -53.88
N SER D 51 11.47 20.02 -54.03
CA SER D 51 10.28 20.86 -54.09
C SER D 51 9.28 20.45 -53.01
N GLN D 52 8.73 21.44 -52.31
CA GLN D 52 7.79 21.13 -51.23
C GLN D 52 6.55 22.00 -51.31
N ASP D 53 5.74 21.98 -50.26
CA ASP D 53 4.64 22.94 -50.11
C ASP D 53 4.84 23.90 -48.93
N GLU D 54 3.79 24.64 -48.61
CA GLU D 54 3.83 25.64 -47.55
C GLU D 54 4.10 25.05 -46.17
N LYS D 55 3.57 23.86 -45.92
CA LYS D 55 3.68 23.24 -44.60
C LYS D 55 4.93 22.38 -44.47
N GLY D 56 5.84 22.51 -45.42
CA GLY D 56 7.12 21.83 -45.36
C GLY D 56 7.02 20.41 -45.88
N VAL D 57 5.84 20.05 -46.37
CA VAL D 57 5.59 18.70 -46.87
C VAL D 57 6.25 18.49 -48.21
N THR D 58 7.01 17.40 -48.32
CA THR D 58 7.61 16.99 -49.58
C THR D 58 6.52 16.76 -50.62
N GLN D 59 6.67 17.36 -51.79
CA GLN D 59 5.63 17.33 -52.81
C GLN D 59 6.17 16.99 -54.18
N ASN D 60 5.58 15.97 -54.80
CA ASN D 60 6.16 15.30 -55.96
C ASN D 60 6.33 16.20 -57.19
N GLY D 61 7.27 15.82 -58.04
CA GLY D 61 7.56 16.52 -59.28
C GLY D 61 8.73 15.86 -59.96
N ARG D 62 9.16 16.39 -61.11
CA ARG D 62 10.31 15.81 -61.79
C ARG D 62 11.33 16.80 -62.36
N LEU D 63 12.58 16.34 -62.41
CA LEU D 63 13.70 17.13 -62.92
C LEU D 63 13.89 16.91 -64.42
N ILE D 64 14.03 17.99 -65.18
CA ILE D 64 14.34 17.84 -66.59
C ILE D 64 15.86 17.77 -66.77
N THR D 65 16.57 18.67 -66.11
CA THR D 65 18.03 18.62 -66.00
C THR D 65 18.53 17.28 -65.46
N ALA D 66 19.55 16.71 -66.11
CA ALA D 66 20.11 15.43 -65.72
C ALA D 66 20.48 15.39 -64.23
N ASN D 67 21.64 15.97 -63.90
CA ASN D 67 22.06 16.11 -62.51
C ASN D 67 22.78 17.43 -62.25
N PRO D 68 22.12 18.33 -61.50
CA PRO D 68 22.61 19.68 -61.19
C PRO D 68 23.91 19.67 -60.40
N ILE D 69 25.02 20.12 -61.01
CA ILE D 69 26.32 20.10 -60.33
C ILE D 69 27.05 21.42 -60.50
N VAL D 70 27.67 21.90 -59.43
CA VAL D 70 28.50 23.09 -59.48
C VAL D 70 29.92 22.71 -59.88
N THR D 71 30.26 22.95 -61.14
CA THR D 71 31.60 22.70 -61.63
C THR D 71 32.56 23.76 -61.08
N ASP D 72 32.15 25.02 -61.21
CA ASP D 72 32.99 26.13 -60.78
C ASP D 72 32.14 27.15 -60.02
N LYS D 73 32.48 27.33 -58.75
CA LYS D 73 31.73 28.17 -57.83
C LYS D 73 31.50 29.60 -58.32
N GLU D 74 32.30 30.02 -59.29
CA GLU D 74 32.16 31.35 -59.88
C GLU D 74 31.21 31.35 -61.07
N LYS D 75 30.77 30.17 -61.51
CA LYS D 75 29.85 30.06 -62.63
C LYS D 75 28.43 29.67 -62.20
N PRO D 76 27.44 30.48 -62.60
CA PRO D 76 26.02 30.20 -62.34
C PRO D 76 25.53 28.97 -63.12
N VAL D 77 24.65 28.19 -62.51
CA VAL D 77 24.08 27.00 -63.16
C VAL D 77 22.60 27.18 -63.51
N ASN D 78 22.22 26.81 -64.72
CA ASN D 78 20.81 26.83 -65.10
C ASN D 78 20.12 25.49 -64.80
N ILE D 79 18.87 25.55 -64.36
CA ILE D 79 18.10 24.35 -64.04
C ILE D 79 16.66 24.45 -64.54
N GLU D 80 16.24 23.50 -65.37
CA GLU D 80 14.84 23.46 -65.79
C GLU D 80 14.10 22.33 -65.08
N ALA D 81 12.92 22.64 -64.55
CA ALA D 81 12.15 21.66 -63.79
C ALA D 81 10.64 21.76 -64.03
N GLU D 82 9.95 20.64 -63.86
CA GLU D 82 8.50 20.61 -63.88
C GLU D 82 7.95 20.50 -62.46
N PRO D 83 7.54 21.63 -61.87
CA PRO D 83 7.06 21.69 -60.50
C PRO D 83 5.67 21.05 -60.38
N PRO D 84 5.25 20.71 -59.16
CA PRO D 84 3.88 20.24 -58.97
C PRO D 84 2.86 21.32 -59.32
N PHE D 85 1.62 20.90 -59.57
CA PHE D 85 0.55 21.85 -59.85
C PHE D 85 0.17 22.60 -58.58
N GLY D 86 -0.24 23.85 -58.74
CA GLY D 86 -0.65 24.66 -57.61
C GLY D 86 0.54 25.32 -56.94
N GLU D 87 0.41 25.52 -55.64
CA GLU D 87 1.38 26.24 -54.83
C GLU D 87 2.50 25.35 -54.31
N SER D 88 3.74 25.72 -54.61
CA SER D 88 4.88 25.00 -54.08
C SER D 88 6.06 25.91 -53.74
N TYR D 89 7.07 25.31 -53.10
CA TYR D 89 8.34 25.96 -52.83
C TYR D 89 9.50 25.24 -53.50
N ILE D 90 10.26 25.98 -54.30
CA ILE D 90 11.48 25.49 -54.88
C ILE D 90 12.60 25.66 -53.87
N VAL D 91 13.25 24.55 -53.52
CA VAL D 91 14.32 24.55 -52.54
C VAL D 91 15.68 24.25 -53.17
N VAL D 92 16.54 25.26 -53.18
CA VAL D 92 17.89 25.15 -53.69
C VAL D 92 18.90 25.20 -52.55
N GLY D 93 19.67 24.12 -52.38
CA GLY D 93 20.63 24.07 -51.29
C GLY D 93 20.09 23.37 -50.07
N ALA D 94 20.87 23.37 -49.00
CA ALA D 94 20.47 22.72 -47.75
C ALA D 94 20.98 23.50 -46.56
N GLY D 95 20.38 23.26 -45.40
CA GLY D 95 20.75 23.96 -44.19
C GLY D 95 19.96 25.22 -43.97
N GLU D 96 20.36 26.01 -42.97
CA GLU D 96 19.61 27.18 -42.53
C GLU D 96 19.46 28.24 -43.62
N LYS D 97 20.47 28.37 -44.47
CA LYS D 97 20.48 29.36 -45.53
C LYS D 97 19.87 28.88 -46.84
N ALA D 98 19.15 27.77 -46.79
CA ALA D 98 18.55 27.19 -48.00
C ALA D 98 17.59 28.15 -48.69
N LEU D 99 17.79 28.32 -50.00
CA LEU D 99 16.95 29.18 -50.83
C LEU D 99 15.54 28.62 -51.02
N LYS D 100 14.53 29.42 -50.67
CA LYS D 100 13.14 28.99 -50.74
C LYS D 100 12.30 29.93 -51.61
N LEU D 101 11.90 29.47 -52.79
CA LEU D 101 11.24 30.36 -53.76
C LEU D 101 9.84 29.88 -54.12
N SER D 102 8.84 30.74 -53.93
CA SER D 102 7.45 30.38 -54.18
C SER D 102 7.06 30.31 -55.65
N TRP D 103 6.37 29.24 -56.04
CA TRP D 103 5.89 29.08 -57.40
C TRP D 103 4.48 28.51 -57.50
N PHE D 104 3.70 29.05 -58.44
CA PHE D 104 2.37 28.52 -58.75
C PHE D 104 2.21 28.03 -60.19
N LYS D 105 1.77 26.78 -60.35
CA LYS D 105 1.55 26.26 -61.69
C LYS D 105 0.07 25.97 -61.91
N LYS D 106 -0.60 26.75 -62.74
CA LYS D 106 -2.04 26.56 -62.92
C LYS D 106 -2.33 25.28 -63.69
N GLY D 107 -3.50 24.69 -63.44
CA GLY D 107 -3.90 23.47 -64.12
C GLY D 107 -4.56 22.47 -63.19
N ASN E 1 0.81 6.21 -46.47
CA ASN E 1 2.05 6.33 -45.71
C ASN E 1 3.11 5.35 -46.22
N ILE E 2 4.34 5.84 -46.37
CA ILE E 2 5.45 4.96 -46.72
C ILE E 2 5.88 4.12 -45.51
N VAL E 3 5.79 2.81 -45.64
CA VAL E 3 6.16 1.90 -44.56
C VAL E 3 7.61 1.42 -44.71
N LEU E 4 8.38 1.49 -43.63
CA LEU E 4 9.76 1.03 -43.67
C LEU E 4 9.95 -0.23 -42.84
N THR E 5 10.41 -1.28 -43.51
CA THR E 5 10.63 -2.57 -42.88
C THR E 5 12.12 -2.89 -42.84
N GLN E 6 12.66 -3.11 -41.64
CA GLN E 6 14.07 -3.42 -41.51
C GLN E 6 14.33 -4.91 -41.37
N SER E 7 15.50 -5.35 -41.81
CA SER E 7 15.88 -6.75 -41.72
C SER E 7 17.39 -6.88 -41.53
N PRO E 8 17.82 -7.75 -40.60
CA PRO E 8 16.93 -8.55 -39.75
C PRO E 8 16.51 -7.78 -38.50
N ALA E 9 15.73 -8.41 -37.63
CA ALA E 9 15.33 -7.79 -36.37
C ALA E 9 16.52 -7.54 -35.46
N SER E 10 17.39 -8.54 -35.35
CA SER E 10 18.66 -8.37 -34.65
C SER E 10 19.73 -9.32 -35.19
N LEU E 11 20.98 -9.00 -34.91
CA LEU E 11 22.10 -9.82 -35.38
C LEU E 11 23.32 -9.61 -34.50
N ALA E 12 24.19 -10.61 -34.44
CA ALA E 12 25.42 -10.49 -33.67
C ALA E 12 26.60 -10.68 -34.62
N VAL E 13 27.57 -9.77 -34.53
CA VAL E 13 28.73 -9.82 -35.42
C VAL E 13 30.02 -9.84 -34.61
N SER E 14 30.94 -10.73 -34.98
CA SER E 14 32.22 -10.83 -34.30
C SER E 14 33.01 -9.54 -34.48
N LEU E 15 33.67 -9.10 -33.42
CA LEU E 15 34.43 -7.85 -33.42
C LEU E 15 35.45 -7.80 -34.56
N GLY E 16 35.39 -6.74 -35.35
CA GLY E 16 36.29 -6.57 -36.47
C GLY E 16 35.72 -7.10 -37.77
N GLN E 17 34.59 -7.81 -37.69
CA GLN E 17 33.98 -8.35 -38.89
C GLN E 17 32.99 -7.35 -39.49
N ARG E 18 32.47 -7.68 -40.68
CA ARG E 18 31.57 -6.79 -41.39
C ARG E 18 30.10 -7.04 -41.01
N ALA E 19 29.34 -5.96 -40.89
CA ALA E 19 27.90 -6.04 -40.61
C ALA E 19 27.10 -5.34 -41.71
N THR E 20 25.94 -5.92 -42.04
CA THR E 20 25.05 -5.35 -43.05
C THR E 20 23.59 -5.41 -42.61
N ILE E 21 22.90 -4.28 -42.74
CA ILE E 21 21.49 -4.18 -42.36
C ILE E 21 20.68 -3.63 -43.52
N SER E 22 19.52 -4.20 -43.81
CA SER E 22 18.73 -3.70 -44.94
C SER E 22 17.44 -3.02 -44.48
N CYS E 23 17.01 -2.03 -45.26
CA CYS E 23 15.74 -1.36 -45.03
C CYS E 23 14.97 -1.29 -46.35
N ARG E 24 13.73 -1.75 -46.32
CA ARG E 24 12.88 -1.76 -47.51
C ARG E 24 11.60 -0.95 -47.35
N ALA E 25 11.30 -0.14 -48.36
CA ALA E 25 10.16 0.77 -48.31
C ALA E 25 9.01 0.25 -49.16
N SER E 26 7.78 0.43 -48.67
CA SER E 26 6.59 -0.05 -49.36
C SER E 26 6.36 0.66 -50.69
N GLU E 27 7.03 1.78 -50.87
CA GLU E 27 7.05 2.47 -52.16
C GLU E 27 8.24 3.41 -52.23
N SER E 28 8.44 4.02 -53.40
CA SER E 28 9.65 4.81 -53.63
C SER E 28 9.78 5.98 -52.65
N VAL E 29 11.00 6.22 -52.18
CA VAL E 29 11.30 7.35 -51.32
C VAL E 29 12.24 8.31 -52.02
N ASP E 30 12.33 8.18 -53.33
CA ASP E 30 13.19 9.06 -54.13
C ASP E 30 12.51 10.38 -54.46
N HIS E 31 13.26 11.47 -54.31
CA HIS E 31 12.75 12.81 -54.57
C HIS E 31 13.80 13.61 -55.34
N TYR E 32 13.48 13.90 -56.61
CA TYR E 32 14.41 14.61 -57.50
C TYR E 32 15.82 14.01 -57.58
N GLY E 33 15.88 12.68 -57.69
CA GLY E 33 17.13 11.98 -57.90
C GLY E 33 17.88 11.66 -56.63
N ASN E 34 17.32 12.07 -55.49
CA ASN E 34 17.91 11.73 -54.20
C ASN E 34 16.96 10.88 -53.38
N SER E 35 17.52 9.94 -52.62
CA SER E 35 16.72 9.08 -51.77
C SER E 35 16.52 9.77 -50.44
N PHE E 36 15.29 10.13 -50.12
CA PHE E 36 15.01 10.79 -48.85
C PHE E 36 14.91 9.80 -47.70
N ILE E 37 16.04 9.18 -47.39
CA ILE E 37 16.13 8.18 -46.34
C ILE E 37 17.41 8.41 -45.53
N TYR E 38 17.35 8.10 -44.24
CA TYR E 38 18.44 8.44 -43.34
C TYR E 38 18.68 7.28 -42.38
N TRP E 39 19.93 7.14 -41.95
CA TRP E 39 20.27 6.11 -40.97
C TRP E 39 20.78 6.74 -39.69
N TYR E 40 20.12 6.40 -38.59
CA TYR E 40 20.49 6.85 -37.26
C TYR E 40 20.98 5.70 -36.37
N GLN E 41 21.83 6.07 -35.41
CA GLN E 41 22.35 5.15 -34.41
C GLN E 41 21.87 5.62 -33.05
N GLN E 42 21.32 4.71 -32.26
CA GLN E 42 20.91 5.03 -30.89
C GLN E 42 21.46 4.06 -29.88
N LYS E 43 22.04 4.59 -28.81
CA LYS E 43 22.54 3.78 -27.71
C LYS E 43 21.63 3.99 -26.51
N PRO E 44 21.57 2.99 -25.61
CA PRO E 44 20.75 3.07 -24.39
C PRO E 44 21.03 4.34 -23.58
N GLY E 45 19.97 5.01 -23.14
CA GLY E 45 20.12 6.20 -22.34
C GLY E 45 20.49 7.44 -23.14
N GLN E 46 20.65 7.25 -24.45
CA GLN E 46 21.07 8.34 -25.33
C GLN E 46 20.04 8.62 -26.41
N PRO E 47 19.97 9.89 -26.86
CA PRO E 47 19.14 10.23 -28.02
C PRO E 47 19.80 9.71 -29.29
N PRO E 48 19.02 9.53 -30.36
CA PRO E 48 19.59 9.02 -31.62
C PRO E 48 20.66 9.95 -32.18
N LYS E 49 21.45 9.43 -33.11
CA LYS E 49 22.54 10.19 -33.71
C LYS E 49 22.61 9.82 -35.18
N LEU E 50 22.57 10.85 -36.04
CA LEU E 50 22.60 10.63 -37.48
C LEU E 50 23.92 10.02 -37.95
N LEU E 51 23.82 9.05 -38.84
CA LEU E 51 24.98 8.42 -39.43
C LEU E 51 25.01 8.67 -40.93
N ILE E 52 23.89 8.39 -41.60
CA ILE E 52 23.85 8.50 -43.05
C ILE E 52 22.68 9.37 -43.50
N TYR E 53 22.92 10.25 -44.46
CA TYR E 53 21.83 11.07 -45.01
C TYR E 53 21.82 10.97 -46.52
N LEU E 54 20.62 11.11 -47.10
CA LEU E 54 20.41 10.93 -48.53
C LEU E 54 21.00 9.61 -49.03
N ALA E 55 20.72 8.54 -48.27
CA ALA E 55 21.08 7.17 -48.63
C ALA E 55 22.57 6.82 -48.55
N SER E 56 23.43 7.71 -49.02
CA SER E 56 24.84 7.37 -49.20
C SER E 56 25.86 8.39 -48.68
N ASN E 57 25.37 9.55 -48.22
CA ASN E 57 26.29 10.60 -47.78
C ASN E 57 26.66 10.52 -46.29
N LEU E 58 27.95 10.51 -46.01
CA LEU E 58 28.44 10.43 -44.63
C LEU E 58 28.40 11.79 -43.93
N GLU E 59 27.74 11.82 -42.78
CA GLU E 59 27.76 13.00 -41.91
C GLU E 59 29.16 13.22 -41.33
N SER E 60 29.56 14.48 -41.23
CA SER E 60 30.87 14.82 -40.65
C SER E 60 30.96 14.27 -39.23
N GLY E 61 32.13 13.72 -38.89
CA GLY E 61 32.34 13.15 -37.57
C GLY E 61 32.07 11.66 -37.51
N VAL E 62 31.32 11.14 -38.48
CA VAL E 62 31.04 9.71 -38.54
C VAL E 62 32.25 8.97 -39.10
N PRO E 63 32.68 7.89 -38.43
CA PRO E 63 33.84 7.11 -38.86
C PRO E 63 33.68 6.58 -40.28
N ALA E 64 34.78 6.43 -41.01
CA ALA E 64 34.72 6.03 -42.41
C ALA E 64 34.24 4.59 -42.60
N ARG E 65 34.34 3.79 -41.55
CA ARG E 65 33.90 2.39 -41.60
C ARG E 65 32.40 2.27 -41.85
N PHE E 66 31.66 3.34 -41.55
CA PHE E 66 30.24 3.40 -41.82
C PHE E 66 29.97 3.77 -43.27
N SER E 67 29.02 3.10 -43.91
CA SER E 67 28.62 3.43 -45.27
C SER E 67 27.18 3.04 -45.56
N GLY E 68 26.58 3.69 -46.56
CA GLY E 68 25.21 3.36 -46.95
C GLY E 68 25.03 3.33 -48.46
N SER E 69 24.05 2.58 -48.92
CA SER E 69 23.76 2.47 -50.34
C SER E 69 22.29 2.11 -50.59
N GLY E 70 21.87 2.19 -51.86
CA GLY E 70 20.53 1.79 -52.25
C GLY E 70 19.71 2.85 -52.95
N SER E 71 18.55 2.47 -53.45
CA SER E 71 17.63 3.43 -54.06
C SER E 71 16.19 2.93 -54.12
N GLU E 72 15.28 3.84 -54.43
CA GLU E 72 13.85 3.55 -54.59
C GLU E 72 13.22 2.95 -53.34
N THR E 73 13.34 1.64 -53.20
CA THR E 73 12.69 0.90 -52.13
C THR E 73 13.66 0.02 -51.36
N ASP E 74 14.86 -0.16 -51.89
CA ASP E 74 15.83 -1.05 -51.25
C ASP E 74 17.09 -0.31 -50.82
N PHE E 75 17.42 -0.40 -49.53
CA PHE E 75 18.60 0.28 -48.99
C PHE E 75 19.39 -0.61 -48.05
N THR E 76 20.70 -0.35 -47.94
CA THR E 76 21.55 -1.10 -47.03
C THR E 76 22.56 -0.22 -46.30
N LEU E 77 22.78 -0.52 -45.02
CA LEU E 77 23.81 0.08 -44.21
C LEU E 77 24.91 -0.96 -43.98
N THR E 78 26.16 -0.55 -44.14
CA THR E 78 27.29 -1.46 -43.96
C THR E 78 28.35 -0.87 -43.02
N ILE E 79 28.78 -1.69 -42.06
CA ILE E 79 29.94 -1.38 -41.24
C ILE E 79 31.03 -2.42 -41.51
N ASP E 80 32.07 -2.01 -42.24
CA ASP E 80 33.06 -2.97 -42.73
C ASP E 80 33.91 -3.61 -41.63
N SER E 81 33.95 -3.00 -40.46
CA SER E 81 34.68 -3.57 -39.34
C SER E 81 34.13 -3.10 -37.99
N VAL E 82 33.23 -3.89 -37.42
CA VAL E 82 32.53 -3.48 -36.21
C VAL E 82 33.49 -3.33 -35.03
N GLU E 83 33.18 -2.39 -34.15
CA GLU E 83 33.92 -2.22 -32.90
C GLU E 83 32.97 -2.34 -31.72
N THR E 84 33.54 -2.37 -30.52
CA THR E 84 32.75 -2.55 -29.31
C THR E 84 31.68 -1.48 -29.16
N ASP E 85 32.06 -0.24 -29.43
CA ASP E 85 31.17 0.90 -29.23
C ASP E 85 30.15 1.02 -30.35
N ASP E 86 30.17 0.04 -31.25
CA ASP E 86 29.21 0.00 -32.36
C ASP E 86 27.94 -0.70 -31.93
N ALA E 87 27.97 -1.32 -30.75
CA ALA E 87 26.79 -1.97 -30.21
C ALA E 87 25.73 -0.94 -29.87
N ALA E 88 24.60 -1.04 -30.55
CA ALA E 88 23.52 -0.06 -30.45
C ALA E 88 22.33 -0.57 -31.23
N THR E 89 21.23 0.19 -31.20
CA THR E 89 20.11 -0.09 -32.10
C THR E 89 20.16 0.90 -33.26
N TYR E 90 19.97 0.39 -34.48
CA TYR E 90 20.01 1.24 -35.67
C TYR E 90 18.65 1.39 -36.32
N TYR E 91 18.30 2.63 -36.68
CA TYR E 91 17.00 2.90 -37.30
C TYR E 91 17.13 3.61 -38.64
N CYS E 92 16.35 3.20 -39.63
CA CYS E 92 16.22 4.00 -40.86
C CYS E 92 14.97 4.87 -40.78
N GLN E 93 14.94 5.97 -41.52
CA GLN E 93 13.80 6.87 -41.50
C GLN E 93 13.59 7.51 -42.87
N GLN E 94 12.34 7.75 -43.24
CA GLN E 94 12.04 8.44 -44.49
C GLN E 94 11.24 9.72 -44.23
N ASN E 95 11.39 10.68 -45.13
CA ASN E 95 10.56 11.87 -45.12
C ASN E 95 10.09 12.30 -46.51
N ASN E 96 10.00 11.33 -47.42
CA ASN E 96 9.48 11.57 -48.76
C ASN E 96 8.00 11.97 -48.77
N GLU E 97 7.26 11.53 -47.75
CA GLU E 97 5.88 11.96 -47.58
C GLU E 97 5.42 11.90 -46.12
N ASP E 98 4.56 12.84 -45.74
CA ASP E 98 3.98 12.85 -44.40
C ASP E 98 2.97 11.72 -44.23
N PRO E 99 2.95 11.11 -43.03
CA PRO E 99 3.85 11.41 -41.92
C PRO E 99 5.17 10.65 -42.06
N TYR E 100 6.24 11.21 -41.49
CA TYR E 100 7.53 10.54 -41.49
C TYR E 100 7.37 9.18 -40.82
N THR E 101 8.08 8.18 -41.33
CA THR E 101 8.02 6.84 -40.75
C THR E 101 9.42 6.26 -40.51
N PHE E 102 9.51 5.40 -39.50
CA PHE E 102 10.75 4.75 -39.13
C PHE E 102 10.67 3.25 -39.37
N GLY E 103 11.81 2.65 -39.68
CA GLY E 103 11.91 1.20 -39.76
C GLY E 103 11.76 0.57 -38.38
N GLY E 104 11.56 -0.74 -38.36
CA GLY E 104 11.30 -1.44 -37.11
C GLY E 104 12.49 -1.52 -36.18
N GLY E 105 13.67 -1.19 -36.68
CA GLY E 105 14.87 -1.20 -35.86
C GLY E 105 15.66 -2.49 -35.96
N THR E 106 16.97 -2.35 -36.07
CA THR E 106 17.85 -3.51 -36.09
C THR E 106 18.86 -3.43 -34.95
N LYS E 107 18.89 -4.47 -34.13
CA LYS E 107 19.76 -4.48 -32.95
C LYS E 107 21.07 -5.24 -33.22
N LEU E 108 22.18 -4.52 -33.10
CA LEU E 108 23.50 -5.07 -33.38
C LEU E 108 24.21 -5.47 -32.09
N GLU E 109 24.71 -6.70 -32.06
CA GLU E 109 25.51 -7.20 -30.96
C GLU E 109 26.94 -7.48 -31.38
N ILE E 110 27.85 -7.50 -30.40
CA ILE E 110 29.26 -7.76 -30.65
C ILE E 110 29.71 -9.04 -29.92
N LYS E 111 29.75 -10.20 -30.61
CA LYS E 111 30.11 -11.48 -29.98
C LYS E 111 31.59 -11.62 -29.65
N ARG E 112 31.97 -11.11 -28.48
CA ARG E 112 33.32 -11.29 -27.95
C ARG E 112 33.44 -12.71 -27.42
N ALA E 113 34.60 -13.06 -26.88
CA ALA E 113 34.84 -14.41 -26.39
C ALA E 113 34.01 -14.61 -25.13
N ASP E 114 33.60 -15.85 -24.88
CA ASP E 114 32.80 -16.15 -23.69
C ASP E 114 33.59 -15.86 -22.43
N ALA E 115 32.86 -15.41 -21.41
CA ALA E 115 33.45 -15.04 -20.14
C ALA E 115 32.53 -15.39 -18.97
N ALA E 116 33.09 -16.04 -17.97
CA ALA E 116 32.34 -16.38 -16.78
C ALA E 116 32.06 -15.08 -16.03
N PRO E 117 30.88 -14.99 -15.41
CA PRO E 117 30.52 -13.80 -14.64
C PRO E 117 31.35 -13.65 -13.38
N THR E 118 31.63 -12.40 -13.01
CA THR E 118 32.20 -12.12 -11.71
C THR E 118 31.07 -11.91 -10.72
N VAL E 119 31.00 -12.78 -9.73
CA VAL E 119 29.89 -12.78 -8.78
C VAL E 119 30.25 -12.16 -7.44
N SER E 120 29.44 -11.20 -7.02
CA SER E 120 29.63 -10.53 -5.73
C SER E 120 28.28 -10.46 -5.02
N ILE E 121 28.26 -10.80 -3.74
CA ILE E 121 27.01 -10.75 -2.99
C ILE E 121 27.06 -9.71 -1.87
N PHE E 122 25.94 -9.01 -1.69
CA PHE E 122 25.83 -7.92 -0.75
C PHE E 122 24.57 -8.04 0.11
N PRO E 123 24.77 -8.17 1.44
CA PRO E 123 23.73 -8.11 2.47
C PRO E 123 23.04 -6.75 2.51
N PRO E 124 21.84 -6.67 3.10
CA PRO E 124 21.18 -5.38 3.36
C PRO E 124 22.07 -4.41 4.13
N SER E 125 21.91 -3.12 3.85
CA SER E 125 22.57 -2.06 4.61
C SER E 125 21.89 -1.84 5.95
N SER E 126 22.64 -1.34 6.92
CA SER E 126 22.09 -0.96 8.23
C SER E 126 20.96 0.05 8.05
N GLU E 127 21.17 0.99 7.14
CA GLU E 127 20.20 2.04 6.85
C GLU E 127 18.86 1.43 6.43
N GLN E 128 18.92 0.47 5.52
CA GLN E 128 17.71 -0.20 5.03
C GLN E 128 17.03 -0.94 6.16
N LEU E 129 17.83 -1.51 7.05
CA LEU E 129 17.35 -2.27 8.18
C LEU E 129 16.57 -1.36 9.12
N THR E 130 17.06 -0.13 9.26
CA THR E 130 16.38 0.85 10.10
C THR E 130 14.95 1.14 9.59
N SER E 131 14.76 1.10 8.27
CA SER E 131 13.44 1.29 7.70
C SER E 131 12.55 0.05 7.76
N GLY E 132 13.09 -1.08 8.18
CA GLY E 132 12.32 -2.29 8.34
C GLY E 132 12.29 -3.26 7.17
N GLY E 133 13.05 -2.99 6.12
CA GLY E 133 13.13 -3.87 4.97
C GLY E 133 14.47 -4.57 4.82
N ALA E 134 14.51 -5.59 3.96
CA ALA E 134 15.75 -6.36 3.81
C ALA E 134 15.89 -6.92 2.39
N SER E 135 16.61 -6.19 1.55
CA SER E 135 16.93 -6.64 0.20
C SER E 135 18.36 -7.16 0.13
N VAL E 136 18.53 -8.35 -0.42
CA VAL E 136 19.86 -8.89 -0.69
C VAL E 136 20.17 -8.80 -2.18
N VAL E 137 21.34 -8.26 -2.50
CA VAL E 137 21.69 -7.98 -3.89
C VAL E 137 22.87 -8.82 -4.35
N CYS E 138 22.82 -9.32 -5.58
CA CYS E 138 23.93 -10.06 -6.13
C CYS E 138 24.26 -9.55 -7.52
N PHE E 139 25.49 -9.06 -7.68
CA PHE E 139 25.96 -8.63 -8.99
C PHE E 139 26.74 -9.71 -9.71
N LEU E 140 26.45 -9.85 -11.00
CA LEU E 140 27.11 -10.78 -11.91
C LEU E 140 27.67 -9.98 -13.08
N ASN E 141 28.95 -9.62 -13.03
CA ASN E 141 29.45 -8.61 -13.95
C ASN E 141 30.33 -9.23 -15.05
N ASN E 142 30.23 -8.64 -16.23
CA ASN E 142 31.11 -8.91 -17.37
C ASN E 142 31.08 -10.36 -17.87
N PHE E 143 29.89 -10.89 -18.12
CA PHE E 143 29.75 -12.24 -18.66
C PHE E 143 29.25 -12.20 -20.11
N TYR E 144 29.42 -13.31 -20.83
CA TYR E 144 28.92 -13.43 -22.19
C TYR E 144 28.84 -14.92 -22.55
N PRO E 145 27.76 -15.36 -23.21
CA PRO E 145 26.56 -14.70 -23.75
C PRO E 145 25.51 -14.30 -22.72
N LYS E 146 24.41 -13.75 -23.22
CA LYS E 146 23.40 -13.10 -22.38
C LYS E 146 22.75 -14.13 -21.48
N ASP E 147 22.60 -15.35 -21.98
CA ASP E 147 21.80 -16.31 -21.23
C ASP E 147 22.57 -16.69 -19.98
N ILE E 148 21.86 -16.70 -18.86
CA ILE E 148 22.42 -17.01 -17.57
C ILE E 148 21.26 -17.33 -16.65
N ASN E 149 21.50 -18.06 -15.58
CA ASN E 149 20.45 -18.28 -14.60
C ASN E 149 20.97 -18.21 -13.18
N VAL E 150 20.19 -17.60 -12.30
CA VAL E 150 20.54 -17.50 -10.90
C VAL E 150 19.55 -18.23 -10.01
N LYS E 151 20.07 -18.94 -9.01
CA LYS E 151 19.20 -19.59 -8.03
C LYS E 151 19.56 -19.11 -6.63
N TRP E 152 18.53 -18.74 -5.86
CA TRP E 152 18.71 -18.37 -4.47
C TRP E 152 18.39 -19.53 -3.53
N LYS E 153 19.19 -19.69 -2.48
CA LYS E 153 18.82 -20.59 -1.39
C LYS E 153 18.92 -19.89 -0.04
N ILE E 154 17.99 -20.19 0.86
CA ILE E 154 18.05 -19.74 2.23
C ILE E 154 18.12 -20.96 3.14
N ASP E 155 19.18 -21.08 3.93
CA ASP E 155 19.41 -22.27 4.76
C ASP E 155 19.24 -23.56 3.97
N GLY E 156 19.75 -23.58 2.74
CA GLY E 156 19.70 -24.77 1.93
C GLY E 156 18.37 -24.99 1.22
N SER E 157 17.39 -24.14 1.54
CA SER E 157 16.08 -24.24 0.90
C SER E 157 15.92 -23.26 -0.26
N GLU E 158 15.59 -23.79 -1.44
CA GLU E 158 15.44 -22.97 -2.63
C GLU E 158 14.35 -21.91 -2.49
N ARG E 159 14.67 -20.68 -2.87
CA ARG E 159 13.70 -19.60 -2.79
C ARG E 159 13.41 -19.08 -4.17
N GLN E 160 12.16 -19.21 -4.58
CA GLN E 160 11.72 -18.74 -5.89
C GLN E 160 11.01 -17.40 -5.80
N ASN E 161 10.22 -17.23 -4.74
CA ASN E 161 9.44 -16.03 -4.55
C ASN E 161 10.26 -14.82 -4.10
N GLY E 162 9.91 -13.64 -4.59
CA GLY E 162 10.58 -12.42 -4.17
C GLY E 162 11.86 -12.13 -4.93
N VAL E 163 12.05 -12.80 -6.06
CA VAL E 163 13.27 -12.60 -6.83
C VAL E 163 13.00 -11.68 -8.03
N LEU E 164 13.80 -10.64 -8.15
CA LEU E 164 13.72 -9.72 -9.26
C LEU E 164 15.05 -9.71 -10.00
N ASN E 165 15.04 -9.75 -11.33
CA ASN E 165 16.29 -9.75 -12.08
C ASN E 165 16.37 -8.65 -13.12
N SER E 166 17.59 -8.16 -13.36
CA SER E 166 17.85 -7.17 -14.42
C SER E 166 19.18 -7.38 -15.13
N TRP E 167 19.21 -7.01 -16.41
CA TRP E 167 20.40 -7.18 -17.25
C TRP E 167 20.68 -5.87 -17.96
N THR E 168 21.96 -5.48 -17.97
CA THR E 168 22.39 -4.33 -18.77
C THR E 168 22.42 -4.69 -20.24
N ASP E 169 22.35 -3.67 -21.08
CA ASP E 169 22.64 -3.85 -22.50
C ASP E 169 24.13 -3.98 -22.69
N GLN E 170 24.55 -4.39 -23.88
CA GLN E 170 25.96 -4.61 -24.17
C GLN E 170 26.86 -3.40 -23.90
N ASP E 171 27.94 -3.65 -23.18
CA ASP E 171 28.85 -2.60 -22.74
C ASP E 171 29.56 -1.98 -23.93
N SER E 172 29.59 -0.66 -23.98
CA SER E 172 30.20 0.07 -25.10
C SER E 172 31.71 -0.14 -25.20
N LYS E 173 32.34 -0.44 -24.06
CA LYS E 173 33.79 -0.65 -24.01
C LYS E 173 34.29 -2.10 -24.21
N ASP E 174 33.69 -3.06 -23.50
CA ASP E 174 34.19 -4.43 -23.51
C ASP E 174 33.27 -5.52 -24.08
N SER E 175 32.09 -5.13 -24.56
CA SER E 175 31.15 -6.05 -25.20
C SER E 175 30.62 -7.12 -24.25
N THR E 176 30.75 -6.89 -22.96
CA THR E 176 30.20 -7.82 -21.98
C THR E 176 28.81 -7.42 -21.53
N TYR E 177 28.22 -8.29 -20.73
CA TYR E 177 26.89 -8.09 -20.17
C TYR E 177 27.03 -8.10 -18.67
N SER E 178 26.07 -7.49 -17.98
CA SER E 178 26.04 -7.59 -16.54
C SER E 178 24.63 -7.84 -16.07
N MET E 179 24.49 -8.38 -14.86
CA MET E 179 23.19 -8.69 -14.31
C MET E 179 23.16 -8.34 -12.83
N SER E 180 22.03 -7.81 -12.39
CA SER E 180 21.78 -7.55 -10.99
C SER E 180 20.59 -8.38 -10.56
N SER E 181 20.69 -9.03 -9.42
CA SER E 181 19.57 -9.81 -8.94
C SER E 181 19.26 -9.42 -7.51
N THR E 182 18.00 -9.10 -7.25
CA THR E 182 17.58 -8.67 -5.92
C THR E 182 16.51 -9.57 -5.34
N LEU E 183 16.82 -10.14 -4.19
CA LEU E 183 15.86 -10.92 -3.43
C LEU E 183 15.34 -10.03 -2.31
N THR E 184 14.04 -9.79 -2.28
CA THR E 184 13.52 -8.86 -1.28
C THR E 184 12.69 -9.56 -0.22
N LEU E 185 13.07 -9.34 1.04
CA LEU E 185 12.39 -9.91 2.17
C LEU E 185 12.07 -8.82 3.18
N THR E 186 11.20 -9.15 4.13
CA THR E 186 11.04 -8.34 5.33
C THR E 186 12.23 -8.57 6.26
N LYS E 187 12.50 -7.60 7.12
CA LYS E 187 13.57 -7.73 8.12
C LYS E 187 13.31 -8.91 9.07
N ASP E 188 12.05 -9.12 9.42
CA ASP E 188 11.67 -10.17 10.36
C ASP E 188 11.93 -11.59 9.83
N GLU E 189 11.62 -11.80 8.56
CA GLU E 189 11.86 -13.08 7.91
C GLU E 189 13.36 -13.29 7.81
N TYR E 190 14.06 -12.22 7.41
CA TYR E 190 15.51 -12.23 7.23
C TYR E 190 16.26 -12.61 8.49
N GLU E 191 15.83 -12.09 9.64
CA GLU E 191 16.54 -12.33 10.89
C GLU E 191 16.32 -13.72 11.49
N ARG E 192 15.40 -14.48 10.91
CA ARG E 192 15.16 -15.85 11.36
C ARG E 192 16.19 -16.83 10.82
N HIS E 193 16.80 -16.49 9.68
CA HIS E 193 17.68 -17.41 8.97
C HIS E 193 19.17 -17.07 9.07
N ASN E 194 20.02 -18.05 8.75
CA ASN E 194 21.46 -17.92 8.89
C ASN E 194 22.16 -17.73 7.54
N SER E 195 22.39 -18.84 6.84
CA SER E 195 23.14 -18.77 5.60
C SER E 195 22.24 -18.38 4.42
N TYR E 196 22.81 -17.56 3.54
CA TYR E 196 22.12 -17.08 2.35
C TYR E 196 23.03 -17.36 1.16
N THR E 197 22.46 -17.91 0.09
CA THR E 197 23.28 -18.33 -1.03
C THR E 197 22.73 -17.87 -2.37
N CYS E 198 23.64 -17.39 -3.21
CA CYS E 198 23.36 -17.07 -4.59
C CYS E 198 24.21 -17.96 -5.49
N GLU E 199 23.58 -18.56 -6.48
CA GLU E 199 24.27 -19.48 -7.38
C GLU E 199 24.10 -19.03 -8.83
N ALA E 200 25.23 -18.89 -9.53
CA ALA E 200 25.16 -18.48 -10.92
C ALA E 200 25.53 -19.64 -11.84
N THR E 201 24.59 -19.97 -12.72
CA THR E 201 24.78 -20.98 -13.75
C THR E 201 24.90 -20.32 -15.12
N HIS E 202 25.95 -20.65 -15.85
CA HIS E 202 26.18 -20.01 -17.14
C HIS E 202 26.81 -21.01 -18.09
N LYS E 203 26.72 -20.72 -19.38
CA LYS E 203 27.33 -21.52 -20.45
C LYS E 203 28.77 -21.91 -20.13
N THR E 204 29.52 -20.96 -19.59
CA THR E 204 30.94 -21.15 -19.35
C THR E 204 31.23 -21.98 -18.10
N SER E 205 30.19 -22.26 -17.33
CA SER E 205 30.36 -22.94 -16.04
C SER E 205 29.40 -24.12 -15.93
N THR E 206 29.97 -25.32 -15.88
CA THR E 206 29.18 -26.53 -15.73
C THR E 206 28.63 -26.70 -14.32
N SER E 207 29.54 -26.84 -13.35
CA SER E 207 29.23 -26.58 -11.96
C SER E 207 29.27 -25.09 -11.66
N PRO E 208 28.16 -24.54 -11.15
CA PRO E 208 27.94 -23.10 -11.05
C PRO E 208 28.94 -22.45 -10.09
N ILE E 209 29.26 -21.19 -10.33
CA ILE E 209 29.99 -20.39 -9.34
C ILE E 209 29.04 -19.85 -8.28
N VAL E 210 29.37 -20.15 -7.02
CA VAL E 210 28.47 -19.95 -5.89
C VAL E 210 29.04 -18.96 -4.88
N LYS E 211 28.26 -17.93 -4.54
CA LYS E 211 28.67 -17.00 -3.48
C LYS E 211 27.60 -16.93 -2.38
N SER E 212 28.05 -16.97 -1.14
CA SER E 212 27.14 -17.03 0.01
C SER E 212 27.62 -16.14 1.16
N PHE E 213 26.73 -15.83 2.09
CA PHE E 213 27.17 -15.29 3.38
C PHE E 213 26.34 -15.74 4.58
N ASN E 214 26.92 -15.61 5.76
CA ASN E 214 26.25 -15.81 7.04
C ASN E 214 26.04 -14.45 7.70
N ARG E 215 24.80 -14.15 8.08
CA ARG E 215 24.48 -12.83 8.63
C ARG E 215 25.21 -12.55 9.94
N ASN E 216 25.30 -13.55 10.82
CA ASN E 216 26.00 -13.38 12.09
C ASN E 216 27.51 -13.55 11.95
N GLN F 1 27.31 27.05 -28.97
CA GLN F 1 27.00 25.64 -28.78
C GLN F 1 25.49 25.40 -28.77
N VAL F 2 25.02 24.53 -29.67
CA VAL F 2 23.59 24.30 -29.80
C VAL F 2 23.09 23.32 -28.74
N GLN F 3 22.02 23.72 -28.05
CA GLN F 3 21.39 22.87 -27.03
C GLN F 3 19.87 22.88 -27.14
N LEU F 4 19.27 21.69 -27.11
CA LEU F 4 17.82 21.56 -27.03
C LEU F 4 17.48 20.89 -25.71
N LEU F 5 17.02 21.67 -24.74
CA LEU F 5 16.80 21.14 -23.39
C LEU F 5 15.36 20.73 -23.11
N GLN F 6 15.18 19.51 -22.60
CA GLN F 6 13.85 19.07 -22.21
C GLN F 6 13.88 18.64 -20.76
N PRO F 7 12.73 18.76 -20.07
CA PRO F 7 12.59 18.24 -18.70
C PRO F 7 12.83 16.73 -18.66
N GLY F 8 13.40 16.26 -17.56
CA GLY F 8 13.81 14.87 -17.45
C GLY F 8 12.66 13.88 -17.37
N ALA F 9 11.58 14.27 -16.71
CA ALA F 9 10.47 13.35 -16.47
C ALA F 9 9.12 14.04 -16.36
N GLU F 10 8.07 13.32 -16.72
CA GLU F 10 6.70 13.77 -16.47
C GLU F 10 5.83 12.62 -15.98
N LEU F 11 4.99 12.91 -14.99
CA LEU F 11 4.03 11.94 -14.50
C LEU F 11 2.63 12.49 -14.69
N VAL F 12 1.87 11.90 -15.61
CA VAL F 12 0.54 12.40 -15.94
C VAL F 12 -0.53 11.32 -15.86
N LYS F 13 -1.75 11.73 -15.53
CA LYS F 13 -2.84 10.77 -15.38
C LYS F 13 -3.43 10.43 -16.73
N PRO F 14 -3.98 9.21 -16.86
CA PRO F 14 -4.68 8.84 -18.10
C PRO F 14 -5.82 9.80 -18.41
N GLY F 15 -6.00 10.12 -19.69
CA GLY F 15 -7.05 11.02 -20.11
C GLY F 15 -6.71 12.49 -19.95
N ALA F 16 -5.75 12.77 -19.08
CA ALA F 16 -5.27 14.13 -18.85
C ALA F 16 -4.46 14.66 -20.03
N SER F 17 -3.94 15.87 -19.88
CA SER F 17 -3.11 16.48 -20.91
C SER F 17 -1.73 16.80 -20.35
N MET F 18 -0.75 16.88 -21.24
CA MET F 18 0.61 17.26 -20.86
C MET F 18 1.21 18.28 -21.83
N LYS F 19 2.12 19.10 -21.33
CA LYS F 19 2.82 20.09 -22.17
C LYS F 19 4.33 20.03 -21.98
N LEU F 20 5.03 19.50 -22.97
CA LEU F 20 6.46 19.32 -22.89
C LEU F 20 7.21 20.49 -23.52
N SER F 21 8.32 20.88 -22.89
CA SER F 21 9.10 22.02 -23.36
C SER F 21 10.46 21.60 -23.92
N CYS F 22 10.95 22.38 -24.87
CA CYS F 22 12.25 22.20 -25.48
C CYS F 22 12.91 23.57 -25.63
N LYS F 23 13.91 23.85 -24.81
CA LYS F 23 14.53 25.16 -24.79
C LYS F 23 15.79 25.18 -25.63
N ALA F 24 15.72 25.90 -26.74
CA ALA F 24 16.82 25.96 -27.69
C ALA F 24 17.79 27.08 -27.33
N SER F 25 19.07 26.83 -27.56
CA SER F 25 20.10 27.84 -27.36
C SER F 25 21.29 27.60 -28.27
N GLY F 26 22.04 28.66 -28.56
CA GLY F 26 23.24 28.53 -29.36
C GLY F 26 23.01 28.84 -30.81
N TYR F 27 21.77 29.17 -31.15
CA TYR F 27 21.38 29.44 -32.52
C TYR F 27 20.10 30.26 -32.58
N THR F 28 19.79 30.77 -33.76
CA THR F 28 18.53 31.49 -33.97
C THR F 28 17.35 30.54 -34.01
N PHE F 29 16.60 30.52 -32.91
CA PHE F 29 15.48 29.61 -32.71
C PHE F 29 14.49 29.61 -33.88
N THR F 30 14.20 30.80 -34.41
CA THR F 30 13.21 30.95 -35.47
C THR F 30 13.77 30.64 -36.86
N ASN F 31 15.05 30.26 -36.93
CA ASN F 31 15.67 29.94 -38.21
C ASN F 31 15.55 28.47 -38.61
N TRP F 32 15.07 27.64 -37.69
CA TRP F 32 15.00 26.20 -37.90
C TRP F 32 13.67 25.64 -37.44
N TRP F 33 13.14 24.68 -38.18
CA TRP F 33 11.91 24.02 -37.79
C TRP F 33 12.19 23.10 -36.60
N MET F 34 11.17 22.83 -35.80
CA MET F 34 11.30 21.89 -34.69
C MET F 34 10.34 20.73 -34.87
N HIS F 35 10.86 19.51 -34.72
CA HIS F 35 10.04 18.32 -34.82
C HIS F 35 9.93 17.65 -33.47
N TRP F 36 8.94 16.79 -33.31
CA TRP F 36 8.80 15.99 -32.10
C TRP F 36 8.70 14.51 -32.44
N VAL F 37 9.42 13.68 -31.71
CA VAL F 37 9.47 12.24 -31.97
C VAL F 37 9.46 11.51 -30.64
N ARG F 38 8.76 10.39 -30.55
CA ARG F 38 8.75 9.61 -29.31
C ARG F 38 9.30 8.21 -29.50
N LEU F 39 9.91 7.69 -28.43
CA LEU F 39 10.46 6.33 -28.44
C LEU F 39 9.75 5.49 -27.39
N ARG F 40 9.01 4.49 -27.87
CA ARG F 40 8.32 3.55 -27.00
C ARG F 40 9.11 2.26 -26.87
N PRO F 41 9.09 1.64 -25.67
CA PRO F 41 9.83 0.41 -25.43
C PRO F 41 9.40 -0.71 -26.38
N GLY F 42 10.35 -1.22 -27.17
CA GLY F 42 10.06 -2.32 -28.07
C GLY F 42 9.12 -1.94 -29.20
N ARG F 43 8.89 -0.65 -29.38
CA ARG F 43 7.99 -0.19 -30.44
C ARG F 43 8.62 0.86 -31.36
N GLY F 44 9.88 1.19 -31.11
CA GLY F 44 10.62 2.05 -32.00
C GLY F 44 10.31 3.53 -31.84
N LEU F 45 10.67 4.30 -32.86
CA LEU F 45 10.51 5.75 -32.84
C LEU F 45 9.27 6.14 -33.64
N GLU F 46 8.55 7.15 -33.16
CA GLU F 46 7.32 7.58 -33.82
C GLU F 46 7.32 9.09 -34.00
N TRP F 47 7.01 9.55 -35.21
CA TRP F 47 6.99 10.98 -35.52
C TRP F 47 5.65 11.59 -35.15
N ILE F 48 5.68 12.73 -34.46
CA ILE F 48 4.47 13.37 -33.98
C ILE F 48 4.06 14.58 -34.83
N GLY F 49 5.03 15.44 -35.12
CA GLY F 49 4.77 16.62 -35.91
C GLY F 49 5.95 17.56 -36.03
N ARG F 50 5.75 18.65 -36.79
CA ARG F 50 6.76 19.69 -36.92
C ARG F 50 6.13 21.08 -36.94
N ILE F 51 6.92 22.08 -36.59
CA ILE F 51 6.47 23.47 -36.60
C ILE F 51 7.60 24.41 -37.01
N ASP F 52 7.26 25.44 -37.78
CA ASP F 52 8.19 26.52 -38.10
C ASP F 52 7.99 27.65 -37.09
N PRO F 53 8.94 27.83 -36.16
CA PRO F 53 8.86 28.85 -35.10
C PRO F 53 8.73 30.27 -35.65
N ASN F 54 9.27 30.51 -36.84
CA ASN F 54 9.24 31.83 -37.46
C ASN F 54 7.82 32.28 -37.80
N SER F 55 7.03 31.36 -38.34
CA SER F 55 5.75 31.70 -38.93
C SER F 55 4.61 30.93 -38.24
N ASP F 56 4.98 30.07 -37.29
CA ASP F 56 4.03 29.25 -36.54
C ASP F 56 3.25 28.26 -37.42
N VAL F 57 3.69 28.10 -38.67
CA VAL F 57 3.18 27.07 -39.56
C VAL F 57 3.54 25.71 -38.97
N ASN F 58 2.62 24.75 -39.07
CA ASN F 58 2.84 23.43 -38.50
C ASN F 58 2.20 22.29 -39.29
N LYS F 59 2.57 21.06 -38.93
CA LYS F 59 2.02 19.86 -39.55
C LYS F 59 2.05 18.74 -38.53
N TYR F 60 0.95 17.99 -38.47
CA TYR F 60 0.81 16.93 -37.48
C TYR F 60 0.81 15.57 -38.17
N ASN F 61 1.19 14.54 -37.43
CA ASN F 61 0.92 13.17 -37.84
C ASN F 61 -0.59 12.98 -37.66
N GLU F 62 -1.24 12.44 -38.69
CA GLU F 62 -2.70 12.32 -38.67
C GLU F 62 -3.19 11.46 -37.49
N LYS F 63 -2.35 10.53 -37.06
CA LYS F 63 -2.66 9.69 -35.90
C LYS F 63 -2.83 10.51 -34.63
N PHE F 64 -2.14 11.64 -34.59
CA PHE F 64 -2.09 12.49 -33.40
C PHE F 64 -2.85 13.80 -33.60
N GLU F 65 -3.36 14.02 -34.80
CA GLU F 65 -3.87 15.33 -35.20
C GLU F 65 -4.97 15.85 -34.28
N ASN F 66 -5.89 14.95 -33.91
CA ASN F 66 -6.99 15.32 -33.04
C ASN F 66 -6.59 15.42 -31.57
N ARG F 67 -5.31 15.18 -31.29
CA ARG F 67 -4.87 14.93 -29.93
C ARG F 67 -3.67 15.80 -29.54
N ALA F 68 -3.02 16.40 -30.54
CA ALA F 68 -1.77 17.10 -30.30
C ALA F 68 -1.80 18.57 -30.70
N SER F 69 -0.89 19.35 -30.12
CA SER F 69 -0.80 20.77 -30.40
C SER F 69 0.65 21.27 -30.28
N LEU F 70 1.21 21.76 -31.39
CA LEU F 70 2.56 22.31 -31.38
C LEU F 70 2.51 23.82 -31.29
N THR F 71 3.28 24.39 -30.35
CA THR F 71 3.30 25.82 -30.15
C THR F 71 4.73 26.24 -29.86
N VAL F 72 5.03 27.53 -29.96
CA VAL F 72 6.33 28.01 -29.52
C VAL F 72 6.26 29.29 -28.69
N ASP F 73 7.34 29.54 -27.96
CA ASP F 73 7.58 30.83 -27.32
C ASP F 73 8.95 31.33 -27.79
N LYS F 74 8.90 32.26 -28.73
CA LYS F 74 10.09 32.87 -29.33
C LYS F 74 10.98 33.58 -28.33
N HIS F 75 10.34 34.25 -27.38
CA HIS F 75 11.04 35.02 -26.35
C HIS F 75 12.06 34.20 -25.57
N SER F 76 11.67 32.98 -25.22
CA SER F 76 12.54 32.10 -24.45
C SER F 76 13.19 31.04 -25.33
N SER F 77 12.98 31.15 -26.64
CA SER F 77 13.49 30.19 -27.60
C SER F 77 13.11 28.78 -27.20
N THR F 78 11.83 28.60 -26.89
CA THR F 78 11.35 27.32 -26.39
C THR F 78 10.19 26.83 -27.23
N ALA F 79 10.23 25.56 -27.64
CA ALA F 79 9.11 25.00 -28.36
C ALA F 79 8.33 24.10 -27.42
N TYR F 80 7.01 24.05 -27.59
CA TYR F 80 6.16 23.26 -26.73
C TYR F 80 5.33 22.28 -27.55
N MET F 81 5.04 21.14 -26.93
CA MET F 81 4.15 20.15 -27.51
C MET F 81 3.15 19.68 -26.47
N GLN F 82 1.87 19.78 -26.80
CA GLN F 82 0.84 19.37 -25.86
C GLN F 82 0.09 18.17 -26.39
N LEU F 83 -0.16 17.20 -25.52
CA LEU F 83 -0.88 15.99 -25.90
C LEU F 83 -1.89 15.63 -24.83
N SER F 84 -3.15 15.44 -25.23
CA SER F 84 -4.22 15.16 -24.28
C SER F 84 -4.77 13.75 -24.51
N SER F 85 -5.75 13.37 -23.68
CA SER F 85 -6.32 12.03 -23.70
C SER F 85 -5.22 10.96 -23.68
N LEU F 86 -4.28 11.14 -22.74
CA LEU F 86 -3.11 10.28 -22.63
C LEU F 86 -3.48 8.90 -22.14
N THR F 87 -2.88 7.87 -22.74
CA THR F 87 -3.01 6.52 -22.22
C THR F 87 -1.64 5.91 -21.88
N SER F 88 -1.66 4.66 -21.41
CA SER F 88 -0.42 3.96 -21.10
C SER F 88 0.41 3.71 -22.36
N GLU F 89 -0.28 3.72 -23.50
CA GLU F 89 0.36 3.54 -24.81
C GLU F 89 1.18 4.76 -25.19
N ASP F 90 1.01 5.85 -24.43
CA ASP F 90 1.73 7.09 -24.69
C ASP F 90 2.94 7.27 -23.77
N SER F 91 3.16 6.28 -22.90
CA SER F 91 4.38 6.22 -22.11
C SER F 91 5.58 5.98 -23.03
N ALA F 92 6.47 6.97 -23.08
CA ALA F 92 7.63 6.90 -23.97
C ALA F 92 8.65 7.96 -23.61
N ILE F 93 9.79 7.97 -24.30
CA ILE F 93 10.74 9.06 -24.19
C ILE F 93 10.54 10.04 -25.33
N TYR F 94 10.20 11.29 -24.99
CA TYR F 94 9.89 12.29 -26.01
C TYR F 94 11.08 13.19 -26.30
N TYR F 95 11.45 13.27 -27.57
CA TYR F 95 12.56 14.09 -28.01
C TYR F 95 12.05 15.19 -28.91
N CYS F 96 12.59 16.39 -28.74
CA CYS F 96 12.46 17.42 -29.76
C CYS F 96 13.72 17.37 -30.60
N ALA F 97 13.60 17.73 -31.87
CA ALA F 97 14.74 17.66 -32.77
C ALA F 97 14.73 18.78 -33.79
N ARG F 98 15.91 19.36 -34.03
CA ARG F 98 16.03 20.45 -34.98
C ARG F 98 16.14 19.86 -36.38
N TRP F 99 15.39 20.43 -37.31
CA TRP F 99 15.37 19.96 -38.68
C TRP F 99 16.50 20.59 -39.48
N PHE F 100 17.40 19.76 -39.98
CA PHE F 100 18.35 20.23 -40.99
C PHE F 100 17.64 20.28 -42.32
N PHE F 101 17.09 21.44 -42.62
CA PHE F 101 16.22 21.66 -43.76
C PHE F 101 16.95 21.38 -45.08
N PRO F 102 16.31 20.60 -45.97
CA PRO F 102 15.01 19.95 -45.75
C PRO F 102 15.20 18.45 -45.53
N TRP F 103 16.26 18.06 -44.85
CA TRP F 103 16.61 16.65 -44.75
C TRP F 103 16.39 16.04 -43.37
N TYR F 104 17.48 15.90 -42.63
CA TYR F 104 17.50 15.11 -41.40
C TYR F 104 17.40 15.95 -40.15
N PHE F 105 17.42 15.26 -39.00
CA PHE F 105 17.45 15.92 -37.71
C PHE F 105 18.90 15.98 -37.21
N ASP F 106 19.43 17.19 -37.12
CA ASP F 106 20.84 17.38 -36.78
C ASP F 106 21.13 17.45 -35.28
N VAL F 107 20.19 18.02 -34.52
CA VAL F 107 20.35 18.15 -33.08
C VAL F 107 19.14 17.59 -32.34
N TRP F 108 19.39 16.69 -31.40
CA TRP F 108 18.32 16.08 -30.62
C TRP F 108 18.26 16.60 -29.19
N GLY F 109 17.05 16.78 -28.70
CA GLY F 109 16.84 17.20 -27.33
C GLY F 109 17.33 16.19 -26.31
N THR F 110 17.38 16.59 -25.04
CA THR F 110 17.83 15.73 -23.97
C THR F 110 16.87 14.57 -23.71
N GLY F 111 15.61 14.77 -24.09
CA GLY F 111 14.59 13.74 -23.95
C GLY F 111 13.83 13.85 -22.64
N THR F 112 12.52 13.62 -22.72
CA THR F 112 11.64 13.67 -21.58
C THR F 112 10.93 12.34 -21.37
N THR F 113 11.27 11.62 -20.30
CA THR F 113 10.62 10.34 -20.05
C THR F 113 9.23 10.61 -19.51
N VAL F 114 8.22 10.23 -20.30
CA VAL F 114 6.84 10.49 -19.92
C VAL F 114 6.15 9.21 -19.47
N THR F 115 5.58 9.26 -18.27
CA THR F 115 4.81 8.15 -17.74
C THR F 115 3.36 8.57 -17.59
N VAL F 116 2.46 7.81 -18.22
CA VAL F 116 1.04 8.08 -18.05
C VAL F 116 0.47 7.10 -17.05
N SER F 117 0.27 7.57 -15.82
CA SER F 117 -0.13 6.69 -14.73
C SER F 117 -1.07 7.36 -13.74
N SER F 118 -1.69 6.57 -12.88
CA SER F 118 -2.46 7.10 -11.77
C SER F 118 -1.69 6.94 -10.45
N ALA F 119 -0.59 6.20 -10.51
CA ALA F 119 0.38 6.15 -9.43
C ALA F 119 0.81 7.56 -9.04
N LYS F 120 1.19 7.74 -7.78
CA LYS F 120 1.76 9.03 -7.39
C LYS F 120 3.29 9.08 -7.25
N THR F 121 3.79 10.30 -7.22
CA THR F 121 5.21 10.61 -7.17
C THR F 121 5.87 10.13 -5.89
N THR F 122 7.00 9.43 -6.03
CA THR F 122 7.64 8.80 -4.89
C THR F 122 9.16 8.93 -5.03
N ALA F 123 9.79 9.49 -4.00
CA ALA F 123 11.25 9.61 -3.94
C ALA F 123 11.93 8.28 -3.75
N PRO F 124 13.12 8.12 -4.35
CA PRO F 124 13.81 6.85 -4.16
C PRO F 124 14.50 6.77 -2.81
N SER F 125 14.70 5.55 -2.33
CA SER F 125 15.58 5.32 -1.21
C SER F 125 16.94 4.94 -1.77
N VAL F 126 18.02 5.46 -1.18
CA VAL F 126 19.34 5.18 -1.72
C VAL F 126 20.17 4.51 -0.64
N TYR F 127 20.62 3.30 -0.92
CA TYR F 127 21.38 2.52 0.05
C TYR F 127 22.78 2.19 -0.47
N PRO F 128 23.80 2.41 0.38
CA PRO F 128 25.14 2.02 -0.03
C PRO F 128 25.34 0.52 0.13
N LEU F 129 26.02 -0.10 -0.82
CA LEU F 129 26.32 -1.53 -0.74
C LEU F 129 27.81 -1.79 -0.57
N ALA F 130 28.20 -2.03 0.67
CA ALA F 130 29.57 -2.34 1.03
C ALA F 130 29.72 -3.84 1.21
N PRO F 131 30.94 -4.37 0.96
CA PRO F 131 31.14 -5.82 1.00
C PRO F 131 30.95 -6.44 2.39
N VAL F 132 30.78 -7.76 2.40
CA VAL F 132 30.70 -8.55 3.61
C VAL F 132 31.99 -8.39 4.41
N CYS F 133 31.89 -8.28 5.73
CA CYS F 133 33.08 -8.14 6.58
C CYS F 133 33.99 -9.37 6.52
N GLY F 134 33.55 -10.39 5.78
CA GLY F 134 34.38 -11.54 5.49
C GLY F 134 34.36 -11.87 4.03
N GLY F 135 34.08 -10.85 3.22
CA GLY F 135 33.95 -11.02 1.78
C GLY F 135 35.02 -10.25 1.02
N THR F 136 35.89 -9.54 1.74
CA THR F 136 36.97 -8.79 1.11
C THR F 136 38.00 -9.72 0.45
N THR F 137 37.59 -10.35 -0.65
CA THR F 137 38.52 -11.10 -1.49
C THR F 137 39.03 -10.28 -2.66
N GLY F 138 40.14 -10.73 -3.25
CA GLY F 138 40.58 -10.21 -4.54
C GLY F 138 41.48 -9.00 -4.47
N SER F 139 42.24 -8.79 -5.55
CA SER F 139 43.17 -7.68 -5.66
C SER F 139 42.42 -6.38 -5.93
N SER F 140 41.15 -6.51 -6.30
CA SER F 140 40.30 -5.35 -6.56
C SER F 140 38.91 -5.53 -5.96
N VAL F 141 38.50 -4.54 -5.16
CA VAL F 141 37.23 -4.55 -4.45
C VAL F 141 36.08 -3.97 -5.28
N THR F 142 34.90 -4.57 -5.15
CA THR F 142 33.70 -4.11 -5.85
C THR F 142 32.66 -3.56 -4.87
N LEU F 143 32.13 -2.38 -5.17
CA LEU F 143 31.12 -1.73 -4.34
C LEU F 143 29.84 -1.52 -5.15
N GLY F 144 28.74 -1.23 -4.46
CA GLY F 144 27.48 -1.03 -5.14
C GLY F 144 26.57 0.05 -4.56
N CYS F 145 25.52 0.38 -5.31
CA CYS F 145 24.54 1.37 -4.87
C CYS F 145 23.13 0.90 -5.26
N LEU F 146 22.24 0.83 -4.29
CA LEU F 146 20.88 0.36 -4.52
C LEU F 146 19.80 1.45 -4.40
N VAL F 147 19.05 1.67 -5.48
CA VAL F 147 18.05 2.73 -5.50
C VAL F 147 16.66 2.12 -5.61
N LYS F 148 15.92 2.13 -4.50
CA LYS F 148 14.69 1.35 -4.40
C LYS F 148 13.44 2.19 -4.14
N GLY F 149 12.32 1.79 -4.75
CA GLY F 149 11.03 2.31 -4.35
C GLY F 149 10.67 3.70 -4.83
N TYR F 150 11.02 4.02 -6.07
CA TYR F 150 10.75 5.35 -6.61
C TYR F 150 9.73 5.31 -7.75
N PHE F 151 9.16 6.48 -8.04
CA PHE F 151 8.24 6.63 -9.17
C PHE F 151 8.05 8.11 -9.44
N PRO F 152 7.89 8.48 -10.72
CA PRO F 152 8.09 7.67 -11.93
C PRO F 152 9.55 7.55 -12.34
N GLU F 153 9.79 6.87 -13.45
CA GLU F 153 11.07 6.89 -14.13
C GLU F 153 11.34 8.31 -14.66
N PRO F 154 12.62 8.69 -14.86
CA PRO F 154 13.85 7.95 -14.59
C PRO F 154 14.55 8.46 -13.33
N VAL F 155 15.63 7.79 -12.95
CA VAL F 155 16.64 8.37 -12.07
C VAL F 155 17.99 8.43 -12.77
N THR F 156 18.83 9.36 -12.34
CA THR F 156 20.21 9.41 -12.83
C THR F 156 21.20 9.14 -11.71
N LEU F 157 22.02 8.11 -11.89
CA LEU F 157 23.00 7.75 -10.88
C LEU F 157 24.41 7.96 -11.44
N THR F 158 25.24 8.64 -10.67
CA THR F 158 26.65 8.81 -11.00
C THR F 158 27.53 8.43 -9.82
N TRP F 159 28.84 8.33 -10.07
CA TRP F 159 29.78 8.01 -9.01
C TRP F 159 30.79 9.14 -8.92
N ASN F 160 31.00 9.65 -7.70
CA ASN F 160 31.87 10.80 -7.49
C ASN F 160 31.58 11.97 -8.43
N SER F 161 30.29 12.28 -8.56
CA SER F 161 29.78 13.39 -9.38
C SER F 161 30.15 13.25 -10.86
N GLY F 162 30.38 12.03 -11.30
CA GLY F 162 30.75 11.77 -12.69
C GLY F 162 32.23 11.64 -12.97
N SER F 163 33.06 11.97 -11.98
CA SER F 163 34.51 11.85 -12.14
C SER F 163 34.91 10.39 -12.34
N LEU F 164 34.11 9.48 -11.81
CA LEU F 164 34.39 8.05 -11.91
C LEU F 164 33.34 7.38 -12.78
N SER F 165 33.72 7.08 -14.00
CA SER F 165 32.77 6.57 -14.99
C SER F 165 33.17 5.19 -15.54
N SER F 166 34.47 4.88 -15.49
CA SER F 166 34.95 3.59 -15.96
C SER F 166 34.66 2.50 -14.94
N GLY F 167 34.40 1.30 -15.44
CA GLY F 167 34.24 0.12 -14.61
C GLY F 167 32.89 0.12 -13.92
N VAL F 168 31.96 0.88 -14.49
CA VAL F 168 30.64 1.05 -13.90
C VAL F 168 29.59 0.29 -14.71
N HIS F 169 28.67 -0.36 -14.01
CA HIS F 169 27.48 -0.94 -14.65
C HIS F 169 26.22 -0.47 -13.93
N THR F 170 25.39 0.29 -14.63
CA THR F 170 24.14 0.78 -14.06
C THR F 170 22.96 0.06 -14.69
N PHE F 171 22.18 -0.62 -13.85
CA PHE F 171 21.20 -1.59 -14.29
C PHE F 171 19.84 -0.94 -14.55
N PRO F 172 19.10 -1.48 -15.53
CA PRO F 172 17.73 -1.03 -15.86
C PRO F 172 16.76 -1.13 -14.69
N ALA F 173 15.86 -0.15 -14.61
CA ALA F 173 14.86 -0.10 -13.54
C ALA F 173 13.87 -1.24 -13.68
N LEU F 174 13.13 -1.52 -12.61
CA LEU F 174 12.20 -2.64 -12.56
C LEU F 174 10.98 -2.33 -11.71
N LEU F 175 9.80 -2.39 -12.35
CA LEU F 175 8.54 -2.12 -11.67
C LEU F 175 8.19 -3.24 -10.70
N GLN F 176 8.05 -2.88 -9.42
CA GLN F 176 7.62 -3.84 -8.41
C GLN F 176 6.68 -3.14 -7.44
N SER F 177 5.60 -3.84 -7.08
CA SER F 177 4.55 -3.31 -6.19
C SER F 177 4.04 -1.93 -6.60
N GLY F 178 4.33 -1.53 -7.84
CA GLY F 178 3.95 -0.21 -8.31
C GLY F 178 5.08 0.80 -8.21
N LEU F 179 6.25 0.35 -7.75
CA LEU F 179 7.41 1.22 -7.64
C LEU F 179 8.60 0.67 -8.42
N TYR F 180 9.51 1.56 -8.81
CA TYR F 180 10.70 1.16 -9.56
C TYR F 180 11.87 0.84 -8.63
N THR F 181 12.67 -0.15 -9.02
CA THR F 181 13.95 -0.40 -8.38
C THR F 181 15.09 -0.54 -9.38
N LEU F 182 16.23 0.10 -9.12
CA LEU F 182 17.44 -0.18 -9.90
C LEU F 182 18.71 -0.25 -9.05
N SER F 183 19.79 -0.74 -9.63
CA SER F 183 21.06 -0.87 -8.93
C SER F 183 22.25 -0.55 -9.82
N SER F 184 23.39 -0.23 -9.21
CA SER F 184 24.60 0.03 -9.98
C SER F 184 25.80 -0.55 -9.24
N SER F 185 26.71 -1.17 -10.00
CA SER F 185 27.98 -1.64 -9.45
C SER F 185 29.18 -0.86 -9.98
N VAL F 186 30.20 -0.72 -9.14
CA VAL F 186 31.49 -0.18 -9.56
C VAL F 186 32.63 -1.03 -9.02
N THR F 187 33.60 -1.35 -9.87
CA THR F 187 34.75 -2.14 -9.44
C THR F 187 36.05 -1.35 -9.50
N VAL F 188 36.77 -1.31 -8.38
CA VAL F 188 38.02 -0.56 -8.32
C VAL F 188 39.13 -1.41 -7.72
N THR F 189 40.37 -0.99 -7.88
CA THR F 189 41.50 -1.68 -7.27
C THR F 189 41.45 -1.52 -5.76
N SER F 190 41.99 -2.49 -5.04
CA SER F 190 41.96 -2.46 -3.58
C SER F 190 42.65 -1.21 -3.07
N ASN F 191 43.63 -0.72 -3.83
CA ASN F 191 44.36 0.49 -3.49
C ASN F 191 43.46 1.72 -3.44
N THR F 192 42.34 1.66 -4.15
CA THR F 192 41.42 2.78 -4.24
C THR F 192 40.48 2.85 -3.04
N TRP F 193 39.98 1.70 -2.61
CA TRP F 193 38.99 1.68 -1.53
C TRP F 193 39.38 0.62 -0.51
N PRO F 194 39.25 0.93 0.79
CA PRO F 194 38.62 2.14 1.36
C PRO F 194 39.54 3.34 1.50
N SER F 195 40.74 3.26 0.93
CA SER F 195 41.69 4.37 0.98
C SER F 195 41.09 5.70 0.46
N GLN F 196 40.66 5.71 -0.79
CA GLN F 196 40.06 6.91 -1.37
C GLN F 196 38.55 6.90 -1.17
N THR F 197 37.94 8.09 -1.21
CA THR F 197 36.50 8.22 -0.98
C THR F 197 35.68 7.90 -2.23
N ILE F 198 34.55 7.23 -2.02
CA ILE F 198 33.64 6.89 -3.10
C ILE F 198 32.20 7.14 -2.68
N THR F 199 31.47 7.91 -3.47
CA THR F 199 30.11 8.30 -3.13
C THR F 199 29.19 8.02 -4.31
N CYS F 200 28.00 7.49 -4.03
CA CYS F 200 26.97 7.33 -5.04
C CYS F 200 26.07 8.55 -5.04
N ASN F 201 25.81 9.12 -6.22
CA ASN F 201 24.92 10.28 -6.28
C ASN F 201 23.72 10.01 -7.17
N VAL F 202 22.52 10.28 -6.65
CA VAL F 202 21.29 9.89 -7.32
C VAL F 202 20.32 11.07 -7.41
N ALA F 203 20.06 11.50 -8.63
CA ALA F 203 19.07 12.56 -8.88
C ALA F 203 17.76 11.97 -9.40
N HIS F 204 16.65 12.40 -8.81
CA HIS F 204 15.32 12.01 -9.29
C HIS F 204 14.50 13.26 -9.58
N PRO F 205 14.56 13.75 -10.82
CA PRO F 205 14.00 15.06 -11.16
C PRO F 205 12.48 15.13 -10.98
N ALA F 206 11.81 13.99 -11.13
CA ALA F 206 10.36 13.96 -10.97
C ALA F 206 9.92 14.33 -9.55
N SER F 207 10.74 13.96 -8.57
CA SER F 207 10.49 14.32 -7.19
C SER F 207 11.40 15.48 -6.80
N SER F 208 12.17 15.95 -7.78
CA SER F 208 13.16 17.01 -7.58
C SER F 208 14.13 16.74 -6.44
N THR F 209 14.58 15.49 -6.31
CA THR F 209 15.52 15.14 -5.25
C THR F 209 16.91 14.78 -5.77
N LYS F 210 17.92 15.02 -4.95
CA LYS F 210 19.29 14.62 -5.23
C LYS F 210 19.94 14.16 -3.93
N VAL F 211 20.57 12.99 -3.95
CA VAL F 211 21.08 12.38 -2.73
C VAL F 211 22.45 11.74 -2.91
N ASP F 212 23.38 12.10 -2.02
CA ASP F 212 24.73 11.52 -2.05
C ASP F 212 24.81 10.51 -0.91
N LYS F 213 25.45 9.38 -1.17
CA LYS F 213 25.74 8.39 -0.14
C LYS F 213 27.19 7.88 -0.15
N LYS F 214 27.90 8.13 0.94
CA LYS F 214 29.26 7.65 1.14
C LYS F 214 29.25 6.16 1.50
N ILE F 215 30.16 5.41 0.89
CA ILE F 215 30.29 3.98 1.16
C ILE F 215 31.17 3.76 2.38
N GLU F 216 30.58 3.25 3.45
CA GLU F 216 31.30 3.02 4.71
C GLU F 216 31.62 1.55 4.89
N SER F 217 32.07 1.19 6.10
CA SER F 217 32.46 -0.17 6.44
C SER F 217 33.51 -0.73 5.48
#